data_3E68
#
_entry.id   3E68
#
_cell.length_a   213.779
_cell.length_b   213.779
_cell.length_c   115.750
_cell.angle_alpha   90.00
_cell.angle_beta   90.00
_cell.angle_gamma   120.00
#
_symmetry.space_group_name_H-M   'P 61 2 2'
#
loop_
_entity.id
_entity.type
_entity.pdbx_description
1 polymer 'Nitric oxide synthase, inducible'
2 non-polymer 'octyl beta-D-glucopyranoside'
3 non-polymer 'SULFATE ION'
4 non-polymer N-[2-(6-AMINO-4-METHYLPYRIDIN-2-YL)ETHYL]-4-CYANOBENZAMIDE
5 non-polymer 'PROTOPORPHYRIN IX CONTAINING FE'
6 non-polymer 5,6,7,8-TETRAHYDROBIOPTERIN
7 non-polymer 1,2-ETHANEDIOL
8 water water
#
_entity_poly.entity_id   1
_entity_poly.type   'polypeptide(L)'
_entity_poly.pdbx_seq_one_letter_code
;LDKLHVTSTRPQYVRIKNWGSGEILHDTLHHKATSDFTCKSKSCLGSIMNPKSLTRGPRDKPTPLEELLPHAIEFINQYY
GSFKEAKIEEHLARLEAVTKEIETTGTYQLTLDELIFATKMAWRNAPRCIGRIQWSNLQVFDARNCSTAQEMFQHICRHI
LYATNNGNIRSAITVFPQRSDGKHDFRLWNSQLIRYAGYQMPDGTIRGDAATLEFTQLCIDLGWKPRYGRFDVLPLVLQA
DGQDPEVFEIPPDLVLEVTMEHPKYEWFQELGLKWYALPAVANMLLEVGGLEFPACPFNGWYMGTEIGVRDFCDTQRYNI
LEEVGRRMGLETHTLASLWKDRAVTEINVAVLHSFQKQNVTIMDHHTASESFMKHMQNEYRARGGCPADWIWLVPPVSGS
ITPVFHQEMLNYVLSPFYYYQIEPWKTHIWQNE
;
_entity_poly.pdbx_strand_id   A,B
#
# COMPACT_ATOMS: atom_id res chain seq x y z
N GLN A 12 -31.16 -16.23 5.32
CA GLN A 12 -31.96 -14.99 5.37
C GLN A 12 -32.19 -14.40 3.99
N TYR A 13 -31.20 -14.58 3.12
CA TYR A 13 -31.28 -14.07 1.75
C TYR A 13 -30.04 -14.55 1.00
N VAL A 14 -30.18 -14.72 -0.32
CA VAL A 14 -29.04 -15.16 -1.13
C VAL A 14 -28.38 -13.93 -1.72
N ARG A 15 -27.05 -13.97 -1.78
CA ARG A 15 -26.24 -12.87 -2.32
C ARG A 15 -25.99 -13.12 -3.82
N ILE A 16 -26.29 -12.12 -4.64
CA ILE A 16 -26.14 -12.24 -6.09
C ILE A 16 -25.23 -11.14 -6.65
N LYS A 17 -24.33 -11.50 -7.55
CA LYS A 17 -23.41 -10.51 -8.08
C LYS A 17 -23.39 -10.32 -9.60
N ASN A 18 -23.10 -9.09 -10.02
CA ASN A 18 -22.99 -8.75 -11.44
C ASN A 18 -21.49 -8.55 -11.71
N TRP A 19 -20.86 -9.54 -12.33
CA TRP A 19 -19.43 -9.49 -12.61
C TRP A 19 -18.98 -8.47 -13.63
N GLY A 20 -19.89 -7.59 -14.03
CA GLY A 20 -19.53 -6.55 -14.98
C GLY A 20 -19.50 -5.23 -14.24
N SER A 21 -20.61 -4.95 -13.55
CA SER A 21 -20.79 -3.72 -12.78
C SER A 21 -20.27 -3.87 -11.36
N GLY A 22 -20.04 -5.11 -10.94
CA GLY A 22 -19.55 -5.38 -9.61
C GLY A 22 -20.65 -5.27 -8.56
N GLU A 23 -21.78 -4.69 -8.96
CA GLU A 23 -22.92 -4.48 -8.08
C GLU A 23 -23.45 -5.78 -7.43
N ILE A 24 -23.95 -5.64 -6.20
CA ILE A 24 -24.50 -6.77 -5.44
C ILE A 24 -26.00 -6.61 -5.15
N LEU A 25 -26.69 -7.75 -5.09
CA LEU A 25 -28.12 -7.81 -4.80
C LEU A 25 -28.38 -8.93 -3.79
N HIS A 26 -29.41 -8.75 -2.97
CA HIS A 26 -29.77 -9.76 -1.99
C HIS A 26 -31.13 -10.32 -2.38
N ASP A 27 -31.21 -11.63 -2.58
CA ASP A 27 -32.47 -12.23 -2.98
C ASP A 27 -33.21 -12.83 -1.79
N THR A 28 -34.38 -12.27 -1.49
CA THR A 28 -35.20 -12.75 -0.39
C THR A 28 -36.45 -13.39 -0.96
N LEU A 29 -36.87 -12.92 -2.13
CA LEU A 29 -38.08 -13.43 -2.77
C LEU A 29 -38.12 -14.94 -2.90
N HIS A 30 -36.96 -15.58 -3.08
CA HIS A 30 -36.92 -17.01 -3.25
C HIS A 30 -37.48 -17.79 -2.06
N HIS A 31 -37.66 -17.11 -0.93
CA HIS A 31 -38.21 -17.79 0.24
C HIS A 31 -39.66 -18.14 -0.03
N LYS A 32 -40.25 -17.46 -1.01
CA LYS A 32 -41.64 -17.71 -1.39
C LYS A 32 -41.76 -18.74 -2.50
N ALA A 33 -40.65 -19.42 -2.79
CA ALA A 33 -40.62 -20.44 -3.84
C ALA A 33 -41.51 -21.64 -3.54
N THR A 34 -41.99 -22.28 -4.59
CA THR A 34 -42.87 -23.45 -4.50
C THR A 34 -42.12 -24.75 -4.18
N SER A 35 -42.88 -25.81 -3.94
CA SER A 35 -42.36 -27.13 -3.66
C SER A 35 -41.05 -27.39 -4.40
N ASP A 36 -40.10 -28.00 -3.71
CA ASP A 36 -38.79 -28.32 -4.27
C ASP A 36 -38.98 -28.92 -5.67
N PHE A 37 -38.42 -28.21 -6.67
CA PHE A 37 -38.52 -28.64 -8.07
C PHE A 37 -37.32 -29.41 -8.66
N THR A 38 -36.49 -28.74 -9.47
CA THR A 38 -35.32 -29.34 -10.11
C THR A 38 -34.00 -28.97 -9.43
N SER A 43 -34.53 -23.38 -5.98
CA SER A 43 -33.63 -22.25 -6.24
C SER A 43 -32.29 -22.75 -6.81
N CYS A 44 -32.23 -22.90 -8.14
CA CYS A 44 -31.02 -23.37 -8.82
C CYS A 44 -29.92 -22.30 -8.76
N LEU A 45 -28.83 -22.62 -8.07
CA LEU A 45 -27.69 -21.72 -7.94
C LEU A 45 -26.66 -22.01 -9.03
N GLY A 46 -27.16 -22.28 -10.25
CA GLY A 46 -26.29 -22.60 -11.36
C GLY A 46 -25.61 -21.42 -12.06
N SER A 47 -26.23 -20.24 -11.94
CA SER A 47 -25.70 -19.03 -12.57
C SER A 47 -24.63 -18.35 -11.72
N ILE A 48 -24.30 -18.96 -10.59
CA ILE A 48 -23.30 -18.42 -9.67
C ILE A 48 -21.86 -18.77 -10.05
N MET A 49 -21.00 -17.76 -9.99
CA MET A 49 -19.60 -17.92 -10.34
C MET A 49 -18.85 -18.84 -9.38
N ASN A 50 -18.81 -18.46 -8.10
CA ASN A 50 -18.10 -19.26 -7.11
C ASN A 50 -19.01 -19.77 -6.01
N PRO A 51 -19.71 -20.89 -6.24
CA PRO A 51 -20.59 -21.43 -5.21
C PRO A 51 -19.72 -22.22 -4.21
N LYS A 52 -20.03 -22.13 -2.92
CA LYS A 52 -19.25 -22.85 -1.91
C LYS A 52 -19.10 -24.30 -2.35
N SER A 53 -20.05 -24.75 -3.14
CA SER A 53 -20.05 -26.11 -3.65
C SER A 53 -18.78 -26.44 -4.48
N LEU A 54 -18.23 -25.42 -5.14
CA LEU A 54 -17.05 -25.59 -5.98
C LEU A 54 -15.77 -25.09 -5.34
N THR A 55 -15.85 -24.73 -4.07
CA THR A 55 -14.69 -24.21 -3.33
C THR A 55 -14.19 -25.17 -2.26
N ARG A 56 -12.87 -25.19 -2.06
CA ARG A 56 -12.24 -26.02 -1.03
C ARG A 56 -11.34 -25.09 -0.23
N GLY A 57 -11.84 -24.64 0.93
CA GLY A 57 -11.11 -23.72 1.77
C GLY A 57 -9.96 -24.26 2.60
N PRO A 58 -9.46 -23.44 3.55
CA PRO A 58 -8.36 -23.71 4.49
C PRO A 58 -8.52 -24.90 5.44
N ARG A 59 -7.57 -25.01 6.38
CA ARG A 59 -7.56 -26.08 7.39
C ARG A 59 -6.71 -25.72 8.59
N ASP A 60 -6.80 -26.58 9.61
CA ASP A 60 -6.06 -26.42 10.87
C ASP A 60 -5.50 -27.75 11.36
N LYS A 61 -6.10 -28.84 10.89
CA LYS A 61 -5.67 -30.16 11.30
C LYS A 61 -5.71 -31.10 10.12
N PRO A 62 -4.91 -32.15 10.18
CA PRO A 62 -4.90 -33.12 9.09
C PRO A 62 -6.28 -33.74 8.87
N THR A 63 -6.47 -34.31 7.69
CA THR A 63 -7.74 -34.93 7.35
C THR A 63 -8.03 -36.13 8.25
N PRO A 64 -9.01 -35.99 9.16
CA PRO A 64 -9.37 -37.10 10.06
C PRO A 64 -9.21 -38.44 9.35
N LEU A 65 -8.39 -39.31 9.93
CA LEU A 65 -8.13 -40.61 9.33
C LEU A 65 -9.39 -41.39 8.94
N GLU A 66 -10.48 -41.16 9.66
CA GLU A 66 -11.73 -41.85 9.39
C GLU A 66 -12.24 -41.53 7.98
N GLU A 67 -11.95 -40.31 7.52
CA GLU A 67 -12.38 -39.88 6.19
C GLU A 67 -11.32 -40.13 5.13
N LEU A 68 -10.07 -39.88 5.47
CA LEU A 68 -8.98 -40.04 4.52
C LEU A 68 -8.84 -41.47 3.98
N LEU A 69 -8.82 -42.46 4.88
CA LEU A 69 -8.67 -43.85 4.46
C LEU A 69 -9.71 -44.28 3.44
N PRO A 70 -10.99 -43.95 3.69
CA PRO A 70 -12.07 -44.32 2.76
C PRO A 70 -11.78 -43.82 1.35
N HIS A 71 -11.54 -42.51 1.25
CA HIS A 71 -11.25 -41.88 -0.03
C HIS A 71 -10.00 -42.49 -0.66
N ALA A 72 -8.97 -42.65 0.16
CA ALA A 72 -7.72 -43.22 -0.30
C ALA A 72 -7.99 -44.56 -0.96
N ILE A 73 -8.65 -45.46 -0.25
CA ILE A 73 -8.96 -46.79 -0.79
C ILE A 73 -9.70 -46.65 -2.10
N GLU A 74 -10.68 -45.75 -2.09
CA GLU A 74 -11.52 -45.47 -3.24
C GLU A 74 -10.68 -45.11 -4.46
N PHE A 75 -9.81 -44.11 -4.28
CA PHE A 75 -8.94 -43.67 -5.35
C PHE A 75 -8.05 -44.80 -5.89
N ILE A 76 -7.41 -45.52 -4.97
CA ILE A 76 -6.52 -46.61 -5.38
C ILE A 76 -7.27 -47.67 -6.16
N ASN A 77 -8.54 -47.88 -5.83
CA ASN A 77 -9.33 -48.87 -6.53
C ASN A 77 -9.63 -48.35 -7.92
N GLN A 78 -9.89 -47.04 -8.00
CA GLN A 78 -10.16 -46.39 -9.29
C GLN A 78 -8.89 -46.51 -10.15
N TYR A 79 -7.77 -46.07 -9.58
CA TYR A 79 -6.50 -46.12 -10.27
C TYR A 79 -6.21 -47.51 -10.82
N TYR A 80 -6.34 -48.52 -9.98
CA TYR A 80 -6.07 -49.89 -10.41
C TYR A 80 -7.13 -50.44 -11.33
N GLY A 81 -8.34 -49.88 -11.22
CA GLY A 81 -9.41 -50.34 -12.07
C GLY A 81 -9.28 -49.73 -13.45
N SER A 82 -8.37 -48.76 -13.60
CA SER A 82 -8.17 -48.09 -14.88
C SER A 82 -7.37 -48.86 -15.93
N PHE A 83 -6.80 -50.01 -15.56
CA PHE A 83 -5.98 -50.80 -16.49
C PHE A 83 -6.79 -51.74 -17.38
N LYS A 84 -6.30 -51.97 -18.61
CA LYS A 84 -6.97 -52.87 -19.55
C LYS A 84 -6.93 -54.28 -18.98
N GLU A 85 -5.75 -54.64 -18.46
CA GLU A 85 -5.53 -55.93 -17.86
C GLU A 85 -5.05 -55.68 -16.44
N ALA A 86 -5.97 -55.89 -15.50
CA ALA A 86 -5.73 -55.66 -14.08
C ALA A 86 -4.46 -56.24 -13.52
N LYS A 87 -4.03 -55.65 -12.41
CA LYS A 87 -2.82 -56.09 -11.71
C LYS A 87 -3.24 -56.31 -10.26
N ILE A 88 -4.23 -57.18 -10.09
CA ILE A 88 -4.80 -57.52 -8.77
C ILE A 88 -3.74 -57.70 -7.70
N GLU A 89 -2.67 -58.43 -8.05
CA GLU A 89 -1.58 -58.68 -7.13
C GLU A 89 -1.10 -57.33 -6.58
N GLU A 90 -0.68 -56.47 -7.50
CA GLU A 90 -0.20 -55.15 -7.14
C GLU A 90 -1.28 -54.33 -6.46
N HIS A 91 -2.51 -54.44 -6.96
CA HIS A 91 -3.63 -53.70 -6.40
C HIS A 91 -3.81 -53.96 -4.89
N LEU A 92 -4.00 -55.23 -4.53
CA LEU A 92 -4.17 -55.59 -3.13
C LEU A 92 -2.99 -55.04 -2.35
N ALA A 93 -1.79 -55.41 -2.80
CA ALA A 93 -0.57 -54.97 -2.16
C ALA A 93 -0.56 -53.45 -1.92
N ARG A 94 -0.96 -52.70 -2.94
CA ARG A 94 -1.00 -51.24 -2.86
C ARG A 94 -1.98 -50.78 -1.78
N LEU A 95 -3.15 -51.41 -1.74
CA LEU A 95 -4.14 -51.05 -0.73
C LEU A 95 -3.54 -51.32 0.64
N GLU A 96 -2.88 -52.47 0.78
CA GLU A 96 -2.23 -52.85 2.05
C GLU A 96 -1.25 -51.74 2.46
N ALA A 97 -0.34 -51.46 1.54
CA ALA A 97 0.71 -50.48 1.71
C ALA A 97 0.24 -49.08 2.07
N VAL A 98 -0.83 -48.64 1.42
CA VAL A 98 -1.36 -47.31 1.68
C VAL A 98 -1.98 -47.18 3.06
N THR A 99 -2.74 -48.20 3.46
CA THR A 99 -3.40 -48.20 4.76
C THR A 99 -2.32 -48.02 5.82
N LYS A 100 -1.30 -48.85 5.71
CA LYS A 100 -0.16 -48.85 6.62
C LYS A 100 0.46 -47.48 6.69
N GLU A 101 0.70 -46.88 5.51
CA GLU A 101 1.32 -45.57 5.46
C GLU A 101 0.49 -44.52 6.18
N ILE A 102 -0.81 -44.73 6.22
CA ILE A 102 -1.71 -43.78 6.87
C ILE A 102 -1.74 -44.03 8.39
N GLU A 103 -1.79 -45.30 8.77
CA GLU A 103 -1.78 -45.66 10.19
C GLU A 103 -0.49 -45.12 10.78
N THR A 104 0.60 -45.35 10.03
CA THR A 104 1.94 -44.95 10.44
C THR A 104 2.32 -43.48 10.30
N THR A 105 1.78 -42.80 9.29
CA THR A 105 2.12 -41.39 9.08
C THR A 105 0.93 -40.44 9.11
N GLY A 106 -0.27 -41.01 9.08
CA GLY A 106 -1.48 -40.20 9.11
C GLY A 106 -1.84 -39.55 7.78
N THR A 107 -1.20 -40.01 6.71
CA THR A 107 -1.42 -39.48 5.37
C THR A 107 -0.67 -40.40 4.41
N TYR A 108 -0.44 -39.95 3.18
CA TYR A 108 0.31 -40.79 2.26
C TYR A 108 0.81 -40.12 0.97
N GLN A 109 1.58 -40.90 0.21
CA GLN A 109 2.16 -40.45 -1.03
C GLN A 109 1.65 -41.28 -2.20
N LEU A 110 1.37 -40.60 -3.30
CA LEU A 110 0.89 -41.23 -4.51
C LEU A 110 2.12 -41.60 -5.33
N THR A 111 2.05 -42.71 -6.06
CA THR A 111 3.14 -43.09 -6.91
C THR A 111 3.04 -42.02 -8.01
N LEU A 112 4.16 -41.71 -8.67
CA LEU A 112 4.12 -40.69 -9.70
C LEU A 112 3.02 -40.98 -10.71
N ASP A 113 2.82 -42.26 -11.02
CA ASP A 113 1.80 -42.67 -11.98
C ASP A 113 0.41 -42.36 -11.49
N GLU A 114 0.20 -42.51 -10.19
CA GLU A 114 -1.10 -42.22 -9.61
C GLU A 114 -1.35 -40.73 -9.71
N LEU A 115 -0.31 -39.94 -9.46
CA LEU A 115 -0.40 -38.49 -9.54
C LEU A 115 -0.78 -38.08 -10.97
N ILE A 116 -0.05 -38.63 -11.93
CA ILE A 116 -0.32 -38.35 -13.34
C ILE A 116 -1.77 -38.70 -13.66
N PHE A 117 -2.19 -39.87 -13.19
CA PHE A 117 -3.56 -40.35 -13.40
C PHE A 117 -4.58 -39.41 -12.74
N ALA A 118 -4.25 -38.93 -11.53
CA ALA A 118 -5.14 -38.03 -10.82
C ALA A 118 -5.32 -36.70 -11.54
N THR A 119 -4.23 -36.12 -12.02
CA THR A 119 -4.29 -34.84 -12.71
C THR A 119 -5.12 -34.88 -13.98
N LYS A 120 -4.96 -35.94 -14.77
CA LYS A 120 -5.72 -36.08 -16.01
C LYS A 120 -7.19 -36.36 -15.70
N MET A 121 -7.43 -37.17 -14.68
CA MET A 121 -8.81 -37.48 -14.28
C MET A 121 -9.47 -36.23 -13.75
N ALA A 122 -8.74 -35.45 -12.95
CA ALA A 122 -9.30 -34.21 -12.41
C ALA A 122 -9.68 -33.28 -13.58
N TRP A 123 -8.79 -33.20 -14.56
CA TRP A 123 -9.05 -32.38 -15.73
C TRP A 123 -10.31 -32.95 -16.40
N ARG A 124 -10.29 -34.27 -16.60
CA ARG A 124 -11.40 -34.98 -17.22
C ARG A 124 -12.73 -34.64 -16.52
N ASN A 125 -12.66 -34.35 -15.23
CA ASN A 125 -13.84 -34.03 -14.45
C ASN A 125 -14.12 -32.53 -14.29
N ALA A 126 -13.48 -31.69 -15.10
CA ALA A 126 -13.73 -30.25 -14.99
C ALA A 126 -14.96 -29.97 -15.84
N PRO A 127 -16.11 -29.72 -15.21
CA PRO A 127 -17.32 -29.45 -16.00
C PRO A 127 -17.30 -28.17 -16.80
N ARG A 128 -16.47 -27.21 -16.37
CA ARG A 128 -16.39 -25.93 -17.06
C ARG A 128 -15.31 -25.83 -18.13
N CYS A 129 -14.62 -26.94 -18.40
CA CYS A 129 -13.56 -26.98 -19.42
C CYS A 129 -14.04 -27.59 -20.73
N ILE A 130 -13.94 -26.80 -21.80
CA ILE A 130 -14.36 -27.24 -23.13
C ILE A 130 -13.26 -27.98 -23.91
N GLY A 131 -12.03 -27.93 -23.41
CA GLY A 131 -10.93 -28.58 -24.10
C GLY A 131 -10.58 -29.98 -23.65
N ARG A 132 -11.51 -30.60 -22.94
CA ARG A 132 -11.30 -31.94 -22.40
C ARG A 132 -11.07 -33.10 -23.34
N ILE A 133 -11.20 -32.91 -24.65
CA ILE A 133 -10.95 -34.03 -25.54
C ILE A 133 -9.44 -34.29 -25.50
N GLN A 134 -8.72 -33.33 -24.93
CA GLN A 134 -7.27 -33.37 -24.78
C GLN A 134 -6.85 -33.94 -23.42
N TRP A 135 -7.82 -34.24 -22.55
CA TRP A 135 -7.55 -34.74 -21.18
C TRP A 135 -6.44 -35.76 -20.98
N SER A 136 -6.33 -36.75 -21.86
CA SER A 136 -5.31 -37.78 -21.70
C SER A 136 -3.92 -37.26 -22.05
N ASN A 137 -3.86 -36.11 -22.72
CA ASN A 137 -2.59 -35.53 -23.11
C ASN A 137 -2.16 -34.38 -22.19
N LEU A 138 -1.43 -34.72 -21.13
CA LEU A 138 -0.98 -33.73 -20.17
C LEU A 138 0.40 -34.09 -19.64
N GLN A 139 1.26 -33.07 -19.52
CA GLN A 139 2.60 -33.24 -19.00
C GLN A 139 2.57 -32.91 -17.52
N VAL A 140 3.12 -33.81 -16.70
CA VAL A 140 3.12 -33.60 -15.27
C VAL A 140 4.50 -33.35 -14.67
N PHE A 141 4.66 -32.18 -14.07
CA PHE A 141 5.90 -31.83 -13.40
C PHE A 141 5.71 -32.07 -11.90
N ASP A 142 6.49 -33.01 -11.37
CA ASP A 142 6.42 -33.37 -9.95
C ASP A 142 7.29 -32.48 -9.07
N ALA A 143 6.68 -31.50 -8.41
CA ALA A 143 7.44 -30.60 -7.54
C ALA A 143 6.99 -30.78 -6.10
N ARG A 144 6.47 -31.95 -5.78
CA ARG A 144 6.01 -32.23 -4.43
C ARG A 144 7.12 -32.07 -3.39
N ASN A 145 8.37 -32.14 -3.84
CA ASN A 145 9.54 -32.01 -2.99
C ASN A 145 9.99 -30.56 -2.79
N CYS A 146 9.41 -29.64 -3.55
CA CYS A 146 9.77 -28.23 -3.42
C CYS A 146 9.74 -27.87 -1.93
N SER A 147 10.42 -26.79 -1.55
CA SER A 147 10.42 -26.40 -0.16
C SER A 147 10.63 -24.92 0.07
N THR A 148 11.05 -24.21 -0.97
CA THR A 148 11.24 -22.77 -0.85
C THR A 148 10.54 -22.06 -1.99
N ALA A 149 10.16 -20.81 -1.76
CA ALA A 149 9.48 -19.99 -2.77
C ALA A 149 10.32 -19.95 -4.03
N GLN A 150 11.60 -19.64 -3.87
CA GLN A 150 12.55 -19.56 -4.97
C GLN A 150 12.50 -20.84 -5.81
N GLU A 151 12.35 -21.98 -5.15
CA GLU A 151 12.26 -23.24 -5.87
C GLU A 151 10.95 -23.31 -6.63
N MET A 152 9.89 -22.72 -6.06
CA MET A 152 8.59 -22.70 -6.72
C MET A 152 8.80 -21.93 -8.00
N PHE A 153 9.39 -20.75 -7.85
CA PHE A 153 9.69 -19.85 -8.96
C PHE A 153 10.44 -20.55 -10.10
N GLN A 154 11.49 -21.27 -9.75
CA GLN A 154 12.25 -21.97 -10.76
C GLN A 154 11.37 -23.02 -11.43
N HIS A 155 10.54 -23.68 -10.64
CA HIS A 155 9.63 -24.71 -11.17
C HIS A 155 8.61 -24.11 -12.13
N ILE A 156 8.05 -22.96 -11.73
CA ILE A 156 7.06 -22.28 -12.55
C ILE A 156 7.69 -21.91 -13.89
N CYS A 157 8.90 -21.36 -13.85
CA CYS A 157 9.61 -20.97 -15.05
C CYS A 157 9.82 -22.16 -15.99
N ARG A 158 10.25 -23.29 -15.44
CA ARG A 158 10.44 -24.48 -16.25
C ARG A 158 9.13 -24.79 -16.96
N HIS A 159 8.04 -24.66 -16.20
CA HIS A 159 6.69 -24.92 -16.68
C HIS A 159 6.33 -23.96 -17.81
N ILE A 160 6.46 -22.67 -17.55
CA ILE A 160 6.17 -21.66 -18.56
C ILE A 160 6.99 -21.93 -19.82
N LEU A 161 8.28 -22.19 -19.65
CA LEU A 161 9.14 -22.46 -20.80
C LEU A 161 8.69 -23.70 -21.57
N TYR A 162 8.46 -24.80 -20.85
CA TYR A 162 8.01 -26.05 -21.47
C TYR A 162 6.70 -25.92 -22.23
N ALA A 163 5.70 -25.41 -21.51
CA ALA A 163 4.36 -25.22 -22.07
C ALA A 163 4.32 -24.32 -23.32
N THR A 164 5.08 -23.21 -23.28
CA THR A 164 5.12 -22.26 -24.39
C THR A 164 5.71 -22.91 -25.65
N ASN A 165 6.73 -23.74 -25.45
CA ASN A 165 7.38 -24.47 -26.53
C ASN A 165 7.51 -23.65 -27.81
N ASN A 166 7.84 -22.36 -27.65
CA ASN A 166 8.03 -21.48 -28.79
C ASN A 166 6.76 -21.29 -29.65
N GLY A 167 5.58 -21.23 -29.03
CA GLY A 167 4.37 -21.06 -29.82
C GLY A 167 3.59 -22.34 -30.05
N ASN A 168 4.30 -23.47 -30.10
CA ASN A 168 3.62 -24.75 -30.27
C ASN A 168 3.24 -25.19 -28.85
N ILE A 169 2.22 -24.54 -28.30
CA ILE A 169 1.75 -24.77 -26.93
C ILE A 169 1.51 -26.21 -26.52
N ARG A 170 1.91 -26.50 -25.29
CA ARG A 170 1.78 -27.82 -24.68
C ARG A 170 1.10 -27.70 -23.32
N SER A 171 0.17 -28.61 -23.05
CA SER A 171 -0.57 -28.63 -21.78
C SER A 171 0.32 -29.25 -20.70
N ALA A 172 0.31 -28.65 -19.51
CA ALA A 172 1.13 -29.15 -18.44
C ALA A 172 0.63 -28.66 -17.10
N ILE A 173 1.07 -29.35 -16.05
CA ILE A 173 0.70 -28.97 -14.71
C ILE A 173 1.89 -29.24 -13.80
N THR A 174 2.10 -28.36 -12.84
CA THR A 174 3.17 -28.51 -11.87
C THR A 174 2.51 -28.72 -10.50
N VAL A 175 2.67 -29.93 -9.97
CA VAL A 175 2.10 -30.28 -8.67
C VAL A 175 3.06 -29.99 -7.54
N PHE A 176 2.72 -29.03 -6.70
CA PHE A 176 3.57 -28.71 -5.57
C PHE A 176 3.18 -29.61 -4.38
N PRO A 177 3.85 -29.47 -3.23
CA PRO A 177 3.55 -30.28 -2.04
C PRO A 177 2.11 -30.30 -1.54
N GLN A 178 1.56 -31.50 -1.36
CA GLN A 178 0.18 -31.67 -0.88
C GLN A 178 -0.01 -31.11 0.51
N ARG A 179 -1.18 -30.54 0.77
CA ARG A 179 -1.51 -29.99 2.08
C ARG A 179 -1.34 -31.07 3.15
N SER A 180 -0.67 -30.71 4.24
CA SER A 180 -0.43 -31.65 5.33
C SER A 180 -1.33 -31.38 6.53
N ASP A 181 -0.98 -30.37 7.33
CA ASP A 181 -1.75 -30.01 8.51
C ASP A 181 -2.69 -28.86 8.18
N GLY A 182 -2.42 -28.16 7.10
CA GLY A 182 -3.26 -27.05 6.73
C GLY A 182 -2.61 -25.71 7.03
N LYS A 183 -1.58 -25.72 7.86
CA LYS A 183 -0.88 -24.49 8.21
C LYS A 183 0.40 -24.29 7.38
N HIS A 184 0.68 -25.25 6.50
CA HIS A 184 1.85 -25.21 5.63
C HIS A 184 1.48 -25.46 4.16
N ASP A 185 0.62 -24.60 3.61
CA ASP A 185 0.21 -24.76 2.22
C ASP A 185 1.02 -23.95 1.23
N PHE A 186 1.31 -24.56 0.09
CA PHE A 186 2.01 -23.87 -1.00
C PHE A 186 0.86 -23.21 -1.74
N ARG A 187 0.96 -21.92 -2.00
CA ARG A 187 -0.11 -21.20 -2.69
C ARG A 187 0.39 -20.10 -3.62
N LEU A 188 -0.04 -20.14 -4.88
CA LEU A 188 0.32 -19.08 -5.83
C LEU A 188 -0.79 -18.07 -5.62
N TRP A 189 -0.42 -16.85 -5.28
CA TRP A 189 -1.39 -15.80 -5.03
C TRP A 189 -2.06 -15.27 -6.28
N ASN A 190 -1.39 -15.44 -7.42
CA ASN A 190 -1.93 -15.00 -8.70
C ASN A 190 -3.08 -15.93 -9.09
N SER A 191 -3.96 -15.45 -9.96
CA SER A 191 -5.10 -16.25 -10.44
C SER A 191 -4.57 -17.15 -11.56
N GLN A 192 -3.74 -16.55 -12.43
CA GLN A 192 -3.13 -17.28 -13.54
C GLN A 192 -1.66 -16.91 -13.65
N LEU A 193 -0.86 -17.85 -14.15
CA LEU A 193 0.56 -17.63 -14.29
C LEU A 193 0.90 -16.30 -14.94
N ILE A 194 0.35 -16.04 -16.12
CA ILE A 194 0.61 -14.80 -16.85
C ILE A 194 -0.65 -13.94 -16.94
N ARG A 195 -0.53 -12.68 -16.55
CA ARG A 195 -1.66 -11.77 -16.54
C ARG A 195 -1.16 -10.32 -16.46
N TYR A 196 -1.78 -9.40 -17.20
CA TYR A 196 -1.34 -8.00 -17.21
C TYR A 196 -1.82 -7.21 -16.00
N ALA A 197 -1.04 -6.19 -15.64
CA ALA A 197 -1.34 -5.33 -14.50
C ALA A 197 -2.36 -4.27 -14.85
N GLY A 198 -3.05 -3.75 -13.84
CA GLY A 198 -4.04 -2.71 -14.06
C GLY A 198 -3.74 -1.54 -13.14
N TYR A 199 -3.67 -0.33 -13.70
CA TYR A 199 -3.36 0.83 -12.88
C TYR A 199 -4.43 1.89 -12.86
N GLN A 200 -4.59 2.53 -11.71
CA GLN A 200 -5.55 3.60 -11.55
C GLN A 200 -4.79 4.92 -11.80
N MET A 201 -4.57 5.26 -13.06
CA MET A 201 -3.84 6.49 -13.41
C MET A 201 -4.19 7.74 -12.60
N PRO A 202 -3.24 8.70 -12.51
CA PRO A 202 -3.45 9.94 -11.77
C PRO A 202 -4.63 10.74 -12.32
N ASP A 203 -4.80 10.72 -13.64
CA ASP A 203 -5.90 11.45 -14.27
C ASP A 203 -7.24 10.72 -14.16
N GLY A 204 -7.33 9.83 -13.15
CA GLY A 204 -8.55 9.08 -12.91
C GLY A 204 -8.82 7.89 -13.81
N THR A 205 -8.22 7.90 -14.99
CA THR A 205 -8.41 6.80 -15.93
C THR A 205 -7.70 5.54 -15.43
N ILE A 206 -8.07 4.40 -16.01
CA ILE A 206 -7.49 3.11 -15.66
C ILE A 206 -6.75 2.58 -16.88
N ARG A 207 -5.49 2.19 -16.69
CA ARG A 207 -4.66 1.69 -17.77
C ARG A 207 -4.38 0.20 -17.59
N GLY A 208 -4.40 -0.55 -18.70
CA GLY A 208 -4.16 -1.97 -18.65
C GLY A 208 -5.43 -2.74 -18.33
N ASP A 209 -5.27 -3.88 -17.66
CA ASP A 209 -6.39 -4.73 -17.31
C ASP A 209 -7.14 -4.30 -16.05
N ALA A 210 -8.28 -3.61 -16.24
CA ALA A 210 -9.09 -3.13 -15.13
C ALA A 210 -9.43 -4.21 -14.11
N ALA A 211 -9.39 -5.46 -14.53
CA ALA A 211 -9.72 -6.57 -13.65
C ALA A 211 -8.64 -6.89 -12.63
N THR A 212 -7.39 -6.54 -12.90
CA THR A 212 -6.32 -6.83 -11.95
C THR A 212 -5.90 -5.62 -11.13
N LEU A 213 -6.80 -4.67 -10.95
CA LEU A 213 -6.49 -3.48 -10.17
C LEU A 213 -6.03 -3.79 -8.74
N GLU A 214 -6.85 -4.52 -7.99
CA GLU A 214 -6.51 -4.87 -6.62
C GLU A 214 -5.23 -5.67 -6.52
N PHE A 215 -5.13 -6.73 -7.32
CA PHE A 215 -3.93 -7.56 -7.27
C PHE A 215 -2.67 -6.80 -7.70
N THR A 216 -2.81 -5.83 -8.60
CA THR A 216 -1.65 -5.06 -9.01
C THR A 216 -1.21 -4.25 -7.79
N GLN A 217 -2.18 -3.89 -6.95
CA GLN A 217 -1.89 -3.12 -5.75
C GLN A 217 -1.14 -3.98 -4.75
N LEU A 218 -1.68 -5.16 -4.48
CA LEU A 218 -1.06 -6.09 -3.54
C LEU A 218 0.39 -6.32 -3.96
N CYS A 219 0.63 -6.29 -5.27
CA CYS A 219 1.97 -6.47 -5.80
C CYS A 219 2.81 -5.25 -5.48
N ILE A 220 2.26 -4.06 -5.69
CA ILE A 220 2.98 -2.83 -5.40
C ILE A 220 3.35 -2.89 -3.94
N ASP A 221 2.35 -3.09 -3.10
CA ASP A 221 2.52 -3.16 -1.66
C ASP A 221 3.60 -4.12 -1.20
N LEU A 222 3.88 -5.15 -1.99
CA LEU A 222 4.90 -6.13 -1.62
C LEU A 222 6.27 -5.81 -2.22
N GLY A 223 6.41 -4.57 -2.71
CA GLY A 223 7.68 -4.17 -3.27
C GLY A 223 7.69 -3.92 -4.77
N TRP A 224 7.08 -4.81 -5.54
CA TRP A 224 7.03 -4.72 -7.00
C TRP A 224 6.94 -3.28 -7.50
N LYS A 225 7.74 -2.97 -8.51
CA LYS A 225 7.76 -1.65 -9.10
C LYS A 225 6.90 -1.57 -10.37
N PRO A 226 5.81 -0.80 -10.30
CA PRO A 226 4.86 -0.60 -11.39
C PRO A 226 5.47 0.10 -12.59
N ARG A 227 5.12 -0.36 -13.79
CA ARG A 227 5.65 0.26 -15.01
C ARG A 227 4.57 1.10 -15.71
N TYR A 228 3.39 1.18 -15.11
CA TYR A 228 2.28 1.95 -15.64
C TYR A 228 2.06 1.77 -17.13
N GLY A 229 2.13 0.52 -17.59
CA GLY A 229 1.92 0.22 -18.99
C GLY A 229 0.54 -0.36 -19.24
N ARG A 230 0.21 -0.54 -20.51
CA ARG A 230 -1.10 -1.09 -20.87
C ARG A 230 -1.03 -2.62 -20.82
N PHE A 231 0.18 -3.14 -21.01
CA PHE A 231 0.40 -4.59 -21.01
C PHE A 231 1.62 -5.03 -20.18
N ASP A 232 1.62 -4.70 -18.89
CA ASP A 232 2.73 -5.11 -18.03
C ASP A 232 2.39 -6.43 -17.39
N VAL A 233 3.19 -7.45 -17.67
CA VAL A 233 2.99 -8.76 -17.10
C VAL A 233 3.22 -8.68 -15.57
N LEU A 234 2.21 -9.04 -14.79
CA LEU A 234 2.34 -9.00 -13.33
C LEU A 234 3.38 -9.99 -12.85
N PRO A 235 3.84 -9.81 -11.60
CA PRO A 235 4.84 -10.70 -11.01
C PRO A 235 4.20 -11.89 -10.33
N LEU A 236 5.02 -12.90 -10.07
CA LEU A 236 4.59 -14.09 -9.38
C LEU A 236 4.66 -13.74 -7.89
N VAL A 237 3.58 -14.04 -7.16
CA VAL A 237 3.53 -13.78 -5.73
C VAL A 237 3.37 -15.14 -5.12
N LEU A 238 4.47 -15.71 -4.66
CA LEU A 238 4.46 -17.06 -4.13
C LEU A 238 4.68 -17.24 -2.63
N GLN A 239 3.90 -18.14 -2.03
CA GLN A 239 4.00 -18.46 -0.61
C GLN A 239 4.35 -19.94 -0.54
N ALA A 240 5.56 -20.23 -0.05
CA ALA A 240 6.02 -21.61 0.07
C ALA A 240 5.83 -22.13 1.48
N ASP A 241 5.60 -23.43 1.60
CA ASP A 241 5.38 -24.04 2.90
C ASP A 241 4.15 -23.39 3.53
N GLY A 242 4.33 -22.37 4.34
CA GLY A 242 3.18 -21.72 4.92
C GLY A 242 3.57 -20.29 5.13
N GLN A 243 4.81 -20.01 4.81
CA GLN A 243 5.37 -18.68 5.00
C GLN A 243 4.74 -17.61 4.11
N ASP A 244 5.01 -16.35 4.42
CA ASP A 244 4.48 -15.23 3.67
C ASP A 244 4.89 -15.34 2.21
N PRO A 245 4.16 -14.65 1.31
CA PRO A 245 4.46 -14.69 -0.13
C PRO A 245 5.62 -13.80 -0.55
N GLU A 246 6.51 -14.35 -1.38
CA GLU A 246 7.65 -13.62 -1.90
C GLU A 246 7.31 -13.24 -3.34
N VAL A 247 7.65 -12.00 -3.73
CA VAL A 247 7.36 -11.53 -5.07
C VAL A 247 8.49 -11.87 -6.05
N PHE A 248 8.12 -12.43 -7.20
CA PHE A 248 9.08 -12.81 -8.23
C PHE A 248 8.63 -12.35 -9.62
N GLU A 249 9.40 -11.46 -10.24
CA GLU A 249 9.08 -10.97 -11.56
C GLU A 249 9.39 -12.05 -12.59
N ILE A 250 8.51 -12.24 -13.56
CA ILE A 250 8.74 -13.27 -14.57
C ILE A 250 9.74 -12.83 -15.62
N PRO A 251 10.71 -13.69 -15.96
CA PRO A 251 11.70 -13.33 -16.97
C PRO A 251 10.99 -13.13 -18.30
N PRO A 252 10.99 -11.89 -18.79
CA PRO A 252 10.37 -11.43 -20.04
C PRO A 252 10.63 -12.34 -21.22
N ASP A 253 11.78 -12.98 -21.24
CA ASP A 253 12.10 -13.87 -22.35
C ASP A 253 11.16 -15.07 -22.35
N LEU A 254 10.62 -15.39 -21.17
CA LEU A 254 9.72 -16.53 -21.00
C LEU A 254 8.27 -16.25 -21.36
N VAL A 255 7.92 -14.99 -21.54
CA VAL A 255 6.55 -14.62 -21.89
C VAL A 255 6.38 -14.33 -23.39
N LEU A 256 5.82 -15.30 -24.11
CA LEU A 256 5.58 -15.13 -25.55
C LEU A 256 4.28 -14.34 -25.72
N GLU A 257 4.28 -13.38 -26.64
CA GLU A 257 3.09 -12.57 -26.89
C GLU A 257 2.80 -12.48 -28.38
N VAL A 258 1.55 -12.13 -28.71
CA VAL A 258 1.11 -11.99 -30.10
C VAL A 258 0.61 -10.57 -30.31
N THR A 259 1.20 -9.85 -31.27
CA THR A 259 0.74 -8.48 -31.53
C THR A 259 -0.46 -8.62 -32.44
N MET A 260 -1.53 -7.91 -32.09
CA MET A 260 -2.78 -8.00 -32.85
C MET A 260 -2.88 -7.18 -34.14
N GLU A 261 -3.21 -7.88 -35.23
CA GLU A 261 -3.39 -7.22 -36.50
C GLU A 261 -4.50 -7.93 -37.26
N HIS A 262 -5.23 -7.17 -38.08
CA HIS A 262 -6.34 -7.69 -38.86
C HIS A 262 -5.91 -8.08 -40.28
N PRO A 263 -6.51 -9.16 -40.80
CA PRO A 263 -6.19 -9.62 -42.16
C PRO A 263 -6.57 -8.63 -43.24
N LYS A 264 -7.45 -7.69 -42.90
CA LYS A 264 -7.89 -6.66 -43.86
C LYS A 264 -7.80 -5.22 -43.35
N TYR A 265 -8.24 -4.95 -42.13
CA TYR A 265 -8.14 -3.58 -41.63
C TYR A 265 -6.72 -3.28 -41.21
N GLU A 266 -6.03 -2.46 -41.99
CA GLU A 266 -4.65 -2.10 -41.66
C GLU A 266 -4.58 -1.26 -40.38
N TRP A 267 -5.65 -0.52 -40.10
CA TRP A 267 -5.72 0.32 -38.91
C TRP A 267 -5.80 -0.50 -37.63
N PHE A 268 -6.04 -1.80 -37.74
CA PHE A 268 -6.17 -2.60 -36.54
C PHE A 268 -4.93 -2.59 -35.65
N GLN A 269 -3.76 -2.71 -36.25
CA GLN A 269 -2.51 -2.70 -35.49
C GLN A 269 -2.31 -1.34 -34.83
N GLU A 270 -2.90 -0.31 -35.43
CA GLU A 270 -2.81 1.04 -34.87
C GLU A 270 -3.40 1.08 -33.48
N LEU A 271 -4.25 0.09 -33.18
CA LEU A 271 -4.87 -0.02 -31.86
C LEU A 271 -3.79 -0.36 -30.84
N GLY A 272 -2.66 -0.86 -31.34
CA GLY A 272 -1.53 -1.23 -30.51
C GLY A 272 -1.82 -2.33 -29.50
N LEU A 273 -2.58 -3.32 -29.93
CA LEU A 273 -2.98 -4.43 -29.08
C LEU A 273 -2.11 -5.67 -29.21
N LYS A 274 -2.06 -6.45 -28.13
CA LYS A 274 -1.33 -7.70 -28.11
C LYS A 274 -1.85 -8.51 -26.93
N TRP A 275 -1.45 -9.78 -26.86
CA TRP A 275 -1.88 -10.65 -25.75
C TRP A 275 -0.88 -11.78 -25.58
N TYR A 276 -0.76 -12.30 -24.36
CA TYR A 276 0.17 -13.39 -24.12
C TYR A 276 -0.41 -14.68 -24.66
N ALA A 277 0.47 -15.61 -24.99
CA ALA A 277 0.03 -16.85 -25.58
C ALA A 277 -0.30 -17.98 -24.61
N LEU A 278 0.04 -17.80 -23.33
CA LEU A 278 -0.18 -18.90 -22.39
C LEU A 278 -1.28 -18.71 -21.36
N PRO A 279 -2.36 -19.51 -21.47
CA PRO A 279 -3.50 -19.46 -20.55
C PRO A 279 -3.20 -20.53 -19.50
N ALA A 280 -2.91 -20.10 -18.27
CA ALA A 280 -2.58 -21.05 -17.21
C ALA A 280 -3.23 -20.64 -15.89
N VAL A 281 -3.97 -21.58 -15.30
CA VAL A 281 -4.66 -21.36 -14.02
C VAL A 281 -3.65 -21.57 -12.91
N ALA A 282 -3.58 -20.63 -11.99
CA ALA A 282 -2.62 -20.71 -10.92
C ALA A 282 -3.18 -20.90 -9.53
N ASN A 283 -4.44 -20.55 -9.33
CA ASN A 283 -5.03 -20.62 -8.00
C ASN A 283 -5.98 -21.75 -7.62
N MET A 284 -5.94 -22.89 -8.30
CA MET A 284 -6.87 -23.95 -7.93
C MET A 284 -6.27 -25.11 -7.11
N LEU A 285 -7.13 -25.84 -6.41
CA LEU A 285 -6.70 -26.96 -5.58
C LEU A 285 -7.09 -28.30 -6.19
N LEU A 286 -6.14 -29.25 -6.18
CA LEU A 286 -6.42 -30.57 -6.73
C LEU A 286 -6.72 -31.56 -5.63
N GLU A 287 -7.96 -32.02 -5.58
CA GLU A 287 -8.37 -33.01 -4.58
C GLU A 287 -8.29 -34.38 -5.23
N VAL A 288 -7.64 -35.31 -4.55
CA VAL A 288 -7.51 -36.68 -5.05
C VAL A 288 -7.40 -37.68 -3.92
N GLY A 289 -8.18 -38.75 -4.02
CA GLY A 289 -8.17 -39.80 -3.02
C GLY A 289 -7.92 -39.34 -1.60
N GLY A 290 -8.51 -38.21 -1.21
CA GLY A 290 -8.33 -37.76 0.15
C GLY A 290 -7.26 -36.70 0.33
N LEU A 291 -6.28 -36.69 -0.56
CA LEU A 291 -5.19 -35.71 -0.49
C LEU A 291 -5.58 -34.47 -1.27
N GLU A 292 -5.11 -33.31 -0.85
CA GLU A 292 -5.43 -32.09 -1.57
C GLU A 292 -4.20 -31.19 -1.76
N PHE A 293 -3.93 -30.83 -3.01
CA PHE A 293 -2.78 -29.98 -3.34
C PHE A 293 -3.23 -28.56 -3.63
N PRO A 294 -3.06 -27.66 -2.65
CA PRO A 294 -3.45 -26.26 -2.81
C PRO A 294 -2.63 -25.46 -3.83
N ALA A 295 -1.60 -26.07 -4.40
CA ALA A 295 -0.76 -25.39 -5.41
C ALA A 295 -0.46 -26.37 -6.54
N CYS A 296 -1.05 -26.10 -7.71
CA CYS A 296 -0.87 -26.96 -8.89
C CYS A 296 -1.24 -26.23 -10.18
N PRO A 297 -0.47 -25.19 -10.55
CA PRO A 297 -0.79 -24.47 -11.77
C PRO A 297 -0.79 -25.39 -13.00
N PHE A 298 -1.76 -25.18 -13.89
CA PHE A 298 -1.85 -25.98 -15.10
C PHE A 298 -2.19 -25.08 -16.26
N ASN A 299 -1.94 -25.57 -17.48
CA ASN A 299 -2.23 -24.79 -18.67
C ASN A 299 -2.63 -25.63 -19.87
N GLY A 300 -3.27 -24.96 -20.83
CA GLY A 300 -3.67 -25.59 -22.07
C GLY A 300 -3.27 -24.54 -23.09
N TRP A 301 -4.06 -24.35 -24.14
CA TRP A 301 -3.79 -23.33 -25.14
C TRP A 301 -5.10 -22.58 -25.29
N TYR A 302 -5.03 -21.36 -25.82
CA TYR A 302 -6.21 -20.51 -25.95
C TYR A 302 -7.32 -20.89 -26.94
N MET A 303 -8.53 -20.43 -26.63
CA MET A 303 -9.67 -20.57 -27.52
C MET A 303 -9.90 -19.10 -27.84
N GLY A 304 -9.85 -18.78 -29.12
CA GLY A 304 -9.98 -17.42 -29.60
C GLY A 304 -10.90 -16.44 -28.89
N THR A 305 -12.09 -16.91 -28.54
CA THR A 305 -13.08 -16.05 -27.91
C THR A 305 -12.69 -15.55 -26.51
N GLU A 306 -11.78 -16.25 -25.86
CA GLU A 306 -11.35 -15.84 -24.52
C GLU A 306 -10.75 -14.44 -24.64
N ILE A 307 -9.83 -14.28 -25.59
CA ILE A 307 -9.16 -13.02 -25.81
C ILE A 307 -10.03 -12.08 -26.60
N GLY A 308 -10.43 -12.52 -27.78
CA GLY A 308 -11.24 -11.67 -28.64
C GLY A 308 -12.52 -11.14 -28.05
N VAL A 309 -13.20 -11.94 -27.24
CA VAL A 309 -14.46 -11.49 -26.68
C VAL A 309 -14.42 -11.07 -25.22
N ARG A 310 -13.90 -11.94 -24.37
CA ARG A 310 -13.86 -11.63 -22.96
C ARG A 310 -12.78 -10.61 -22.61
N ASP A 311 -11.52 -10.95 -22.86
CA ASP A 311 -10.42 -10.04 -22.54
C ASP A 311 -10.50 -8.67 -23.22
N PHE A 312 -10.73 -8.66 -24.53
CA PHE A 312 -10.82 -7.39 -25.25
C PHE A 312 -12.15 -6.67 -25.23
N CYS A 313 -13.28 -7.38 -25.16
CA CYS A 313 -14.56 -6.69 -25.21
C CYS A 313 -15.41 -6.57 -23.95
N ASP A 314 -15.05 -7.28 -22.87
CA ASP A 314 -15.81 -7.13 -21.64
C ASP A 314 -15.63 -5.68 -21.19
N THR A 315 -16.70 -5.09 -20.69
CA THR A 315 -16.70 -3.72 -20.19
C THR A 315 -15.58 -3.52 -19.18
N GLN A 316 -15.55 -4.42 -18.20
CA GLN A 316 -14.59 -4.40 -17.09
C GLN A 316 -13.18 -4.92 -17.40
N ARG A 317 -12.85 -5.05 -18.68
CA ARG A 317 -11.52 -5.51 -19.05
C ARG A 317 -10.92 -4.45 -19.97
N TYR A 318 -10.45 -4.85 -21.15
CA TYR A 318 -9.87 -3.85 -22.03
C TYR A 318 -10.90 -3.02 -22.79
N ASN A 319 -12.16 -3.44 -22.73
CA ASN A 319 -13.27 -2.71 -23.34
C ASN A 319 -12.98 -1.95 -24.65
N ILE A 320 -12.52 -2.65 -25.68
CA ILE A 320 -12.18 -2.03 -26.97
C ILE A 320 -13.30 -1.99 -28.03
N LEU A 321 -14.51 -2.43 -27.69
CA LEU A 321 -15.61 -2.46 -28.66
C LEU A 321 -15.98 -1.18 -29.40
N GLU A 322 -16.28 -0.13 -28.67
CA GLU A 322 -16.65 1.13 -29.30
C GLU A 322 -15.57 1.70 -30.22
N GLU A 323 -14.31 1.58 -29.78
CA GLU A 323 -13.18 2.06 -30.57
C GLU A 323 -13.13 1.35 -31.92
N VAL A 324 -13.29 0.03 -31.90
CA VAL A 324 -13.27 -0.77 -33.13
C VAL A 324 -14.51 -0.48 -33.96
N GLY A 325 -15.61 -0.17 -33.29
CA GLY A 325 -16.84 0.13 -34.00
C GLY A 325 -16.65 1.36 -34.87
N ARG A 326 -16.15 2.44 -34.27
CA ARG A 326 -15.90 3.69 -34.97
C ARG A 326 -14.96 3.44 -36.14
N ARG A 327 -13.84 2.77 -35.87
CA ARG A 327 -12.85 2.48 -36.90
C ARG A 327 -13.51 1.81 -38.08
N MET A 328 -14.47 0.93 -37.82
CA MET A 328 -15.16 0.22 -38.89
C MET A 328 -16.21 1.13 -39.51
N GLY A 329 -16.37 2.31 -38.94
CA GLY A 329 -17.35 3.25 -39.44
C GLY A 329 -18.78 2.82 -39.23
N LEU A 330 -19.04 2.07 -38.16
CA LEU A 330 -20.38 1.60 -37.85
C LEU A 330 -21.18 2.63 -37.08
N GLU A 331 -22.49 2.44 -37.05
CA GLU A 331 -23.41 3.33 -36.32
C GLU A 331 -23.39 2.90 -34.87
N THR A 332 -22.29 3.23 -34.20
CA THR A 332 -22.09 2.86 -32.81
C THR A 332 -23.05 3.56 -31.86
N HIS A 333 -23.96 4.36 -32.41
CA HIS A 333 -24.93 5.09 -31.59
C HIS A 333 -26.35 4.53 -31.69
N THR A 334 -26.52 3.52 -32.55
CA THR A 334 -27.81 2.89 -32.74
C THR A 334 -27.62 1.40 -32.46
N LEU A 335 -27.98 1.02 -31.25
CA LEU A 335 -27.85 -0.35 -30.77
C LEU A 335 -28.42 -1.38 -31.75
N ALA A 336 -29.62 -1.12 -32.27
CA ALA A 336 -30.27 -2.03 -33.20
C ALA A 336 -29.55 -2.23 -34.53
N SER A 337 -28.49 -1.45 -34.76
CA SER A 337 -27.72 -1.57 -36.00
C SER A 337 -26.91 -2.84 -35.93
N LEU A 338 -26.79 -3.37 -34.71
CA LEU A 338 -26.04 -4.59 -34.44
C LEU A 338 -24.55 -4.38 -34.76
N TRP A 339 -24.07 -3.16 -34.55
CA TRP A 339 -22.66 -2.85 -34.85
C TRP A 339 -21.76 -3.65 -33.92
N LYS A 340 -22.25 -3.87 -32.70
CA LYS A 340 -21.47 -4.64 -31.73
C LYS A 340 -21.21 -6.05 -32.23
N ASP A 341 -22.20 -6.65 -32.91
CA ASP A 341 -22.00 -8.00 -33.43
C ASP A 341 -20.99 -7.99 -34.57
N ARG A 342 -20.95 -6.91 -35.34
CA ARG A 342 -19.98 -6.83 -36.44
C ARG A 342 -18.55 -6.59 -35.94
N ALA A 343 -18.42 -5.74 -34.94
CA ALA A 343 -17.12 -5.40 -34.38
C ALA A 343 -16.48 -6.58 -33.67
N VAL A 344 -17.21 -7.16 -32.73
CA VAL A 344 -16.66 -8.28 -31.98
C VAL A 344 -16.18 -9.39 -32.88
N THR A 345 -16.87 -9.59 -34.00
CA THR A 345 -16.46 -10.65 -34.93
C THR A 345 -15.15 -10.31 -35.63
N GLU A 346 -14.99 -9.05 -36.01
CA GLU A 346 -13.75 -8.63 -36.67
C GLU A 346 -12.58 -8.78 -35.68
N ILE A 347 -12.83 -8.45 -34.41
CA ILE A 347 -11.81 -8.59 -33.37
C ILE A 347 -11.44 -10.07 -33.25
N ASN A 348 -12.44 -10.94 -33.18
CA ASN A 348 -12.18 -12.38 -33.07
C ASN A 348 -11.33 -12.82 -34.24
N VAL A 349 -11.61 -12.26 -35.41
CA VAL A 349 -10.86 -12.59 -36.63
C VAL A 349 -9.39 -12.14 -36.45
N ALA A 350 -9.19 -10.97 -35.87
CA ALA A 350 -7.84 -10.46 -35.65
C ALA A 350 -7.06 -11.43 -34.76
N VAL A 351 -7.66 -11.82 -33.64
CA VAL A 351 -7.03 -12.74 -32.69
C VAL A 351 -6.59 -14.03 -33.39
N LEU A 352 -7.52 -14.74 -34.02
CA LEU A 352 -7.18 -15.99 -34.71
C LEU A 352 -6.11 -15.73 -35.77
N HIS A 353 -6.34 -14.72 -36.60
CA HIS A 353 -5.40 -14.39 -37.66
C HIS A 353 -3.98 -14.15 -37.16
N SER A 354 -3.87 -13.37 -36.10
CA SER A 354 -2.57 -13.04 -35.51
C SER A 354 -1.87 -14.25 -34.91
N PHE A 355 -2.59 -15.07 -34.14
CA PHE A 355 -1.97 -16.24 -33.54
C PHE A 355 -1.49 -17.16 -34.65
N GLN A 356 -2.31 -17.35 -35.67
CA GLN A 356 -1.95 -18.21 -36.79
C GLN A 356 -0.71 -17.69 -37.51
N LYS A 357 -0.76 -16.41 -37.84
CA LYS A 357 0.33 -15.75 -38.55
C LYS A 357 1.65 -15.93 -37.79
N GLN A 358 1.62 -15.73 -36.48
CA GLN A 358 2.82 -15.86 -35.65
C GLN A 358 3.03 -17.27 -35.14
N ASN A 359 2.36 -18.22 -35.76
CA ASN A 359 2.48 -19.64 -35.42
C ASN A 359 2.36 -20.00 -33.94
N VAL A 360 1.38 -19.41 -33.26
CA VAL A 360 1.13 -19.69 -31.86
C VAL A 360 -0.21 -20.45 -31.81
N THR A 361 -0.19 -21.65 -31.24
CA THR A 361 -1.38 -22.48 -31.13
C THR A 361 -2.60 -21.75 -30.57
N ILE A 362 -3.73 -21.96 -31.23
CA ILE A 362 -5.00 -21.35 -30.82
C ILE A 362 -6.10 -22.10 -31.56
N MET A 363 -7.31 -22.12 -30.99
CA MET A 363 -8.43 -22.79 -31.64
C MET A 363 -9.68 -21.92 -31.59
N ASP A 364 -10.36 -21.79 -32.74
CA ASP A 364 -11.58 -20.98 -32.79
C ASP A 364 -12.65 -21.73 -32.00
N HIS A 365 -13.68 -20.99 -31.57
CA HIS A 365 -14.73 -21.58 -30.76
C HIS A 365 -15.65 -22.62 -31.45
N HIS A 366 -15.82 -22.49 -32.76
CA HIS A 366 -16.66 -23.41 -33.51
C HIS A 366 -16.05 -24.82 -33.54
N THR A 367 -14.77 -24.93 -33.89
CA THR A 367 -14.17 -26.26 -33.93
C THR A 367 -13.90 -26.77 -32.51
N ALA A 368 -13.82 -25.85 -31.56
CA ALA A 368 -13.58 -26.22 -30.17
C ALA A 368 -14.83 -26.93 -29.66
N SER A 369 -15.99 -26.37 -30.01
CA SER A 369 -17.28 -26.92 -29.61
C SER A 369 -17.55 -28.30 -30.23
N GLU A 370 -17.25 -28.48 -31.51
CA GLU A 370 -17.46 -29.78 -32.14
C GLU A 370 -16.56 -30.77 -31.42
N SER A 371 -15.38 -30.27 -31.06
CA SER A 371 -14.38 -31.05 -30.35
C SER A 371 -14.97 -31.59 -29.05
N PHE A 372 -15.61 -30.72 -28.29
CA PHE A 372 -16.18 -31.12 -27.03
C PHE A 372 -17.33 -32.10 -27.23
N MET A 373 -18.12 -31.89 -28.28
CA MET A 373 -19.22 -32.78 -28.54
C MET A 373 -18.67 -34.19 -28.75
N LYS A 374 -17.67 -34.31 -29.61
CA LYS A 374 -17.04 -35.61 -29.85
C LYS A 374 -16.55 -36.16 -28.52
N HIS A 375 -15.89 -35.33 -27.73
CA HIS A 375 -15.39 -35.79 -26.45
C HIS A 375 -16.52 -36.29 -25.56
N MET A 376 -17.57 -35.49 -25.42
CA MET A 376 -18.71 -35.84 -24.58
C MET A 376 -19.31 -37.17 -24.99
N GLN A 377 -19.41 -37.41 -26.30
CA GLN A 377 -19.96 -38.67 -26.77
C GLN A 377 -19.00 -39.81 -26.42
N ASN A 378 -17.71 -39.55 -26.53
CA ASN A 378 -16.72 -40.58 -26.18
C ASN A 378 -16.89 -40.90 -24.69
N GLU A 379 -17.02 -39.86 -23.87
CA GLU A 379 -17.17 -40.01 -22.43
C GLU A 379 -18.35 -40.88 -22.02
N TYR A 380 -19.51 -40.66 -22.63
CA TYR A 380 -20.68 -41.46 -22.30
C TYR A 380 -20.45 -42.94 -22.62
N ARG A 381 -19.98 -43.25 -23.83
CA ARG A 381 -19.72 -44.64 -24.16
C ARG A 381 -18.73 -45.18 -23.12
N ALA A 382 -17.59 -44.51 -23.01
CA ALA A 382 -16.54 -44.88 -22.07
C ALA A 382 -17.00 -45.09 -20.63
N ARG A 383 -17.71 -44.12 -20.08
CA ARG A 383 -18.15 -44.28 -18.71
C ARG A 383 -19.55 -43.81 -18.33
N GLY A 384 -20.43 -43.69 -19.32
CA GLY A 384 -21.80 -43.29 -19.03
C GLY A 384 -22.00 -41.93 -18.41
N GLY A 385 -21.28 -40.94 -18.92
CA GLY A 385 -21.41 -39.60 -18.38
C GLY A 385 -20.26 -38.67 -18.68
N CYS A 386 -20.50 -37.40 -18.40
CA CYS A 386 -19.53 -36.35 -18.59
C CYS A 386 -20.08 -35.15 -17.86
N PRO A 387 -19.53 -34.85 -16.67
CA PRO A 387 -20.02 -33.69 -15.91
C PRO A 387 -19.80 -32.44 -16.74
N ALA A 388 -20.86 -31.71 -17.06
CA ALA A 388 -20.68 -30.51 -17.88
C ALA A 388 -21.51 -29.31 -17.45
N ASP A 389 -20.88 -28.14 -17.47
CA ASP A 389 -21.54 -26.90 -17.10
C ASP A 389 -21.85 -26.11 -18.37
N TRP A 390 -23.09 -26.25 -18.84
CA TRP A 390 -23.56 -25.58 -20.05
C TRP A 390 -23.21 -24.09 -20.01
N ILE A 391 -23.46 -23.45 -18.88
CA ILE A 391 -23.20 -22.03 -18.77
C ILE A 391 -21.75 -21.62 -19.08
N TRP A 392 -20.80 -22.50 -18.79
CA TRP A 392 -19.40 -22.20 -19.08
C TRP A 392 -18.95 -22.74 -20.43
N LEU A 393 -19.52 -23.87 -20.83
CA LEU A 393 -19.13 -24.48 -22.09
C LEU A 393 -19.58 -23.75 -23.35
N VAL A 394 -20.73 -23.07 -23.28
CA VAL A 394 -21.24 -22.34 -24.44
C VAL A 394 -20.48 -21.02 -24.61
N PRO A 395 -19.77 -20.86 -25.76
CA PRO A 395 -18.98 -19.66 -26.06
C PRO A 395 -19.73 -18.36 -25.82
N PRO A 396 -19.00 -17.29 -25.47
CA PRO A 396 -19.61 -15.98 -25.21
C PRO A 396 -20.22 -15.29 -26.44
N VAL A 397 -20.02 -15.87 -27.62
CA VAL A 397 -20.62 -15.34 -28.86
C VAL A 397 -21.09 -16.52 -29.69
N SER A 398 -22.06 -16.21 -30.56
CA SER A 398 -22.66 -17.18 -31.47
C SER A 398 -23.03 -18.51 -30.79
N GLY A 399 -23.71 -18.39 -29.66
CA GLY A 399 -24.13 -19.55 -28.88
C GLY A 399 -24.84 -20.67 -29.60
N SER A 400 -26.04 -20.43 -30.10
CA SER A 400 -26.77 -21.50 -30.79
C SER A 400 -26.21 -21.92 -32.13
N ILE A 401 -25.20 -21.19 -32.62
CA ILE A 401 -24.55 -21.54 -33.89
C ILE A 401 -23.65 -22.74 -33.57
N THR A 402 -23.38 -22.89 -32.28
CA THR A 402 -22.53 -23.94 -31.74
C THR A 402 -23.36 -25.18 -31.36
N PRO A 403 -22.81 -26.39 -31.57
CA PRO A 403 -23.58 -27.59 -31.23
C PRO A 403 -23.81 -27.82 -29.72
N VAL A 404 -22.88 -27.38 -28.88
CA VAL A 404 -23.01 -27.57 -27.43
C VAL A 404 -24.24 -26.83 -26.86
N PHE A 405 -24.69 -25.79 -27.55
CA PHE A 405 -25.85 -25.01 -27.12
C PHE A 405 -27.11 -25.85 -27.09
N HIS A 406 -27.27 -26.75 -28.06
CA HIS A 406 -28.44 -27.61 -28.15
C HIS A 406 -28.35 -28.90 -27.36
N GLN A 407 -27.28 -29.06 -26.60
CA GLN A 407 -27.06 -30.26 -25.82
C GLN A 407 -27.41 -30.09 -24.34
N GLU A 408 -28.22 -31.00 -23.81
CA GLU A 408 -28.58 -30.96 -22.39
C GLU A 408 -27.41 -31.58 -21.67
N MET A 409 -27.06 -31.02 -20.52
CA MET A 409 -25.92 -31.53 -19.76
C MET A 409 -26.15 -31.64 -18.27
N LEU A 410 -25.48 -32.63 -17.67
CA LEU A 410 -25.56 -32.87 -16.24
C LEU A 410 -24.27 -32.37 -15.61
N ASN A 411 -24.41 -31.50 -14.62
CA ASN A 411 -23.25 -30.94 -13.96
C ASN A 411 -23.08 -31.40 -12.52
N TYR A 412 -22.16 -32.34 -12.31
CA TYR A 412 -21.90 -32.85 -10.98
C TYR A 412 -20.42 -32.84 -10.64
N VAL A 413 -20.11 -32.81 -9.35
CA VAL A 413 -18.73 -32.79 -8.86
C VAL A 413 -18.18 -34.18 -8.55
N LEU A 414 -17.35 -34.73 -9.43
CA LEU A 414 -16.75 -36.04 -9.19
C LEU A 414 -15.42 -35.84 -8.43
N SER A 415 -14.58 -36.86 -8.43
CA SER A 415 -13.28 -36.79 -7.76
C SER A 415 -12.37 -37.85 -8.40
N PRO A 416 -11.08 -37.51 -8.64
CA PRO A 416 -10.42 -36.24 -8.36
C PRO A 416 -11.10 -35.01 -8.98
N PHE A 417 -10.74 -33.83 -8.49
CA PHE A 417 -11.39 -32.63 -8.95
C PHE A 417 -10.53 -31.39 -8.70
N TYR A 418 -10.76 -30.33 -9.49
CA TYR A 418 -10.05 -29.06 -9.34
C TYR A 418 -11.01 -28.06 -8.73
N TYR A 419 -10.87 -27.81 -7.43
CA TYR A 419 -11.74 -26.86 -6.74
C TYR A 419 -11.15 -25.47 -6.73
N TYR A 420 -12.00 -24.48 -6.45
CA TYR A 420 -11.56 -23.11 -6.31
C TYR A 420 -11.10 -23.06 -4.86
N GLN A 421 -10.51 -21.95 -4.44
CA GLN A 421 -10.05 -21.83 -3.06
C GLN A 421 -10.35 -20.41 -2.60
N ILE A 422 -10.25 -20.16 -1.30
CA ILE A 422 -10.49 -18.82 -0.81
C ILE A 422 -9.23 -18.03 -1.12
N GLU A 423 -9.40 -16.83 -1.69
CA GLU A 423 -8.24 -16.01 -2.04
C GLU A 423 -7.30 -16.02 -0.83
N PRO A 424 -6.06 -16.51 -1.04
CA PRO A 424 -5.03 -16.60 0.00
C PRO A 424 -4.79 -15.36 0.86
N TRP A 425 -4.96 -14.17 0.30
CA TRP A 425 -4.75 -12.96 1.07
C TRP A 425 -5.92 -12.67 2.00
N LYS A 426 -6.87 -13.59 2.04
CA LYS A 426 -8.04 -13.45 2.88
C LYS A 426 -7.91 -14.31 4.14
N THR A 427 -7.20 -15.42 4.04
CA THR A 427 -7.03 -16.33 5.17
C THR A 427 -5.61 -16.46 5.72
N HIS A 428 -4.61 -16.32 4.85
CA HIS A 428 -3.23 -16.42 5.29
C HIS A 428 -2.92 -15.25 6.25
N ILE A 429 -2.25 -15.56 7.35
CA ILE A 429 -1.87 -14.56 8.34
C ILE A 429 -0.36 -14.32 8.35
N TRP A 430 0.04 -13.05 8.27
CA TRP A 430 1.45 -12.66 8.22
C TRP A 430 2.24 -12.76 9.52
N GLN B 12 31.99 1.21 18.92
CA GLN B 12 31.52 0.69 17.61
C GLN B 12 31.90 1.63 16.46
N TYR B 13 31.05 2.61 16.19
CA TYR B 13 31.27 3.61 15.14
C TYR B 13 30.07 4.53 15.12
N VAL B 14 30.27 5.81 14.84
CA VAL B 14 29.16 6.76 14.81
C VAL B 14 28.60 6.91 13.41
N ARG B 15 27.28 6.93 13.33
CA ARG B 15 26.56 7.04 12.07
C ARG B 15 26.26 8.49 11.74
N ILE B 16 26.72 8.92 10.56
CA ILE B 16 26.54 10.29 10.09
C ILE B 16 25.66 10.31 8.84
N LYS B 17 24.74 11.25 8.78
CA LYS B 17 23.86 11.31 7.63
C LYS B 17 23.88 12.67 6.92
N ASN B 18 23.70 12.65 5.60
CA ASN B 18 23.66 13.86 4.79
C ASN B 18 22.20 14.04 4.41
N TRP B 19 21.51 14.99 5.03
CA TRP B 19 20.11 15.22 4.76
C TRP B 19 19.71 15.65 3.36
N GLY B 20 20.69 15.89 2.49
CA GLY B 20 20.34 16.30 1.15
C GLY B 20 20.26 15.11 0.21
N SER B 21 21.24 14.22 0.33
CA SER B 21 21.33 13.01 -0.50
C SER B 21 20.81 11.76 0.19
N GLY B 22 20.63 11.82 1.51
CA GLY B 22 20.15 10.68 2.26
C GLY B 22 21.30 9.75 2.60
N GLU B 23 22.38 9.89 1.85
CA GLU B 23 23.58 9.08 2.03
C GLU B 23 24.02 8.99 3.50
N ILE B 24 24.50 7.81 3.88
CA ILE B 24 24.95 7.59 5.24
C ILE B 24 26.42 7.18 5.26
N LEU B 25 27.10 7.54 6.34
CA LEU B 25 28.51 7.24 6.53
C LEU B 25 28.70 6.71 7.94
N HIS B 26 29.78 5.95 8.13
CA HIS B 26 30.07 5.38 9.44
C HIS B 26 31.45 5.86 9.91
N ASP B 27 31.49 6.70 10.94
CA ASP B 27 32.77 7.20 11.43
C ASP B 27 33.41 6.29 12.47
N THR B 28 34.63 5.87 12.17
CA THR B 28 35.40 5.01 13.05
C THR B 28 36.70 5.71 13.42
N LEU B 29 37.12 6.62 12.57
CA LEU B 29 38.35 7.36 12.78
C LEU B 29 38.32 8.09 14.10
N HIS B 30 37.14 8.54 14.48
CA HIS B 30 36.97 9.28 15.72
C HIS B 30 37.51 8.54 16.94
N HIS B 31 37.78 7.24 16.79
CA HIS B 31 38.31 6.46 17.90
C HIS B 31 39.76 6.81 18.18
N LYS B 32 40.46 7.27 17.14
CA LYS B 32 41.87 7.66 17.28
C LYS B 32 41.98 9.03 17.93
N ALA B 33 40.82 9.64 18.18
CA ALA B 33 40.75 10.97 18.79
C ALA B 33 41.32 11.02 20.20
N THR B 34 41.67 12.23 20.65
CA THR B 34 42.22 12.41 21.99
C THR B 34 41.12 12.20 23.02
N CYS B 44 32.34 15.37 19.81
CA CYS B 44 31.18 16.22 20.01
C CYS B 44 30.15 15.99 18.90
N LEU B 45 28.95 15.57 19.30
CA LEU B 45 27.84 15.30 18.37
C LEU B 45 27.00 16.56 18.14
N GLY B 46 27.65 17.71 17.93
CA GLY B 46 26.95 18.97 17.74
C GLY B 46 26.24 19.19 16.41
N SER B 47 26.78 18.58 15.35
CA SER B 47 26.22 18.72 14.01
C SER B 47 25.15 17.66 13.66
N ILE B 48 24.71 16.90 14.65
CA ILE B 48 23.71 15.87 14.40
C ILE B 48 22.30 16.43 14.51
N MET B 49 21.45 16.01 13.57
CA MET B 49 20.06 16.46 13.52
C MET B 49 19.20 15.92 14.66
N ASN B 50 19.07 14.59 14.73
CA ASN B 50 18.26 13.95 15.76
C ASN B 50 19.09 13.10 16.74
N PRO B 51 19.92 13.74 17.56
CA PRO B 51 20.71 12.93 18.49
C PRO B 51 19.74 12.32 19.51
N LYS B 52 20.17 11.27 20.18
CA LYS B 52 19.30 10.63 21.16
C LYS B 52 19.11 11.53 22.36
N SER B 53 20.08 12.40 22.61
CA SER B 53 19.97 13.31 23.75
C SER B 53 18.75 14.21 23.62
N LEU B 54 18.29 14.39 22.37
CA LEU B 54 17.15 15.25 22.07
C LEU B 54 15.89 14.44 21.76
N THR B 55 15.95 13.13 21.97
CA THR B 55 14.78 12.30 21.72
C THR B 55 14.25 11.73 23.03
N ARG B 56 12.95 11.54 23.11
CA ARG B 56 12.31 10.98 24.29
C ARG B 56 11.38 9.91 23.76
N GLY B 57 11.92 8.70 23.62
CA GLY B 57 11.19 7.58 23.07
C GLY B 57 10.03 6.98 23.85
N PRO B 58 9.43 5.91 23.28
CA PRO B 58 8.30 5.16 23.83
C PRO B 58 8.49 4.65 25.25
N ARG B 59 7.37 4.24 25.86
CA ARG B 59 7.36 3.65 27.19
C ARG B 59 6.51 2.39 27.09
N ASP B 60 6.67 1.50 28.07
CA ASP B 60 5.96 0.23 28.06
C ASP B 60 5.26 0.01 29.40
N LYS B 61 5.49 0.95 30.31
CA LYS B 61 4.94 0.87 31.64
C LYS B 61 5.22 2.23 32.27
N PRO B 62 4.37 2.64 33.21
CA PRO B 62 4.53 3.93 33.89
C PRO B 62 5.96 4.27 34.27
N THR B 63 6.29 5.55 34.22
CA THR B 63 7.62 6.00 34.59
C THR B 63 7.86 5.78 36.08
N PRO B 64 8.99 5.14 36.45
CA PRO B 64 9.35 4.85 37.84
C PRO B 64 9.18 6.01 38.82
N LEU B 65 8.51 5.70 39.93
CA LEU B 65 8.24 6.67 40.98
C LEU B 65 9.51 7.36 41.44
N GLU B 66 10.60 6.61 41.49
CA GLU B 66 11.87 7.15 41.95
C GLU B 66 12.43 8.31 41.13
N GLU B 67 12.10 8.35 39.84
CA GLU B 67 12.57 9.46 39.01
C GLU B 67 11.45 10.44 38.76
N LEU B 68 10.22 9.92 38.74
CA LEU B 68 9.02 10.73 38.53
C LEU B 68 8.83 11.75 39.64
N LEU B 69 8.97 11.30 40.88
CA LEU B 69 8.77 12.15 42.03
C LEU B 69 9.74 13.31 42.18
N PRO B 70 11.05 13.08 41.98
CA PRO B 70 12.06 14.15 42.11
C PRO B 70 11.88 15.23 41.04
N HIS B 71 11.44 14.81 39.86
CA HIS B 71 11.21 15.73 38.74
C HIS B 71 10.02 16.64 39.08
N ALA B 72 8.90 16.00 39.44
CA ALA B 72 7.68 16.70 39.79
C ALA B 72 7.99 17.77 40.84
N ILE B 73 8.70 17.37 41.89
CA ILE B 73 9.03 18.30 42.97
C ILE B 73 9.80 19.51 42.46
N GLU B 74 10.72 19.28 41.53
CA GLU B 74 11.53 20.35 40.95
C GLU B 74 10.61 21.27 40.14
N PHE B 75 9.67 20.66 39.41
CA PHE B 75 8.75 21.46 38.63
C PHE B 75 7.92 22.40 39.50
N ILE B 76 7.23 21.86 40.49
CA ILE B 76 6.41 22.69 41.38
C ILE B 76 7.27 23.79 41.99
N ASN B 77 8.50 23.46 42.37
CA ASN B 77 9.40 24.45 42.95
C ASN B 77 9.67 25.57 41.94
N GLN B 78 9.89 25.17 40.70
CA GLN B 78 10.17 26.11 39.61
C GLN B 78 8.95 26.97 39.34
N TYR B 79 7.78 26.34 39.35
CA TYR B 79 6.53 27.02 39.11
C TYR B 79 6.25 28.06 40.20
N TYR B 80 6.14 27.61 41.43
CA TYR B 80 5.86 28.50 42.55
C TYR B 80 6.91 29.57 42.76
N GLY B 81 8.11 29.31 42.27
CA GLY B 81 9.16 30.27 42.43
C GLY B 81 9.15 31.29 41.31
N SER B 82 8.23 31.11 40.37
CA SER B 82 8.16 32.03 39.24
C SER B 82 7.48 33.35 39.55
N PHE B 83 6.35 33.32 40.26
CA PHE B 83 5.67 34.57 40.53
C PHE B 83 6.23 35.40 41.64
N LYS B 84 6.36 36.70 41.37
CA LYS B 84 6.87 37.65 42.35
C LYS B 84 5.86 37.62 43.48
N GLU B 85 6.34 37.62 44.71
CA GLU B 85 5.44 37.56 45.86
C GLU B 85 4.79 36.19 45.80
N ALA B 86 5.55 35.20 46.21
CA ALA B 86 5.09 33.82 46.18
C ALA B 86 4.05 33.50 47.23
N LYS B 87 3.39 32.38 47.00
CA LYS B 87 2.36 31.87 47.90
C LYS B 87 3.02 30.65 48.55
N ILE B 88 3.99 30.94 49.42
CA ILE B 88 4.75 29.91 50.11
C ILE B 88 3.86 28.83 50.68
N GLU B 89 2.82 29.23 51.40
CA GLU B 89 1.92 28.27 52.00
C GLU B 89 1.34 27.36 50.92
N GLU B 90 0.74 27.98 49.91
CA GLU B 90 0.15 27.23 48.80
C GLU B 90 1.21 26.39 48.10
N HIS B 91 2.44 26.87 48.15
CA HIS B 91 3.58 26.19 47.56
C HIS B 91 3.80 24.87 48.29
N LEU B 92 3.98 24.96 49.60
CA LEU B 92 4.20 23.79 50.44
C LEU B 92 2.97 22.89 50.37
N ALA B 93 1.79 23.49 50.43
CA ALA B 93 0.57 22.73 50.35
C ALA B 93 0.63 21.90 49.08
N ARG B 94 0.94 22.57 47.98
CA ARG B 94 1.03 21.94 46.65
C ARG B 94 2.13 20.88 46.57
N LEU B 95 3.32 21.20 47.07
CA LEU B 95 4.44 20.27 47.07
C LEU B 95 4.04 18.97 47.75
N GLU B 96 3.44 19.11 48.93
CA GLU B 96 2.98 17.96 49.70
C GLU B 96 1.85 17.22 48.98
N ALA B 97 0.91 17.99 48.45
CA ALA B 97 -0.24 17.44 47.75
C ALA B 97 0.21 16.61 46.55
N VAL B 98 1.21 17.10 45.82
CA VAL B 98 1.71 16.38 44.64
C VAL B 98 2.49 15.12 45.03
N THR B 99 3.31 15.22 46.08
CA THR B 99 4.10 14.08 46.54
C THR B 99 3.16 12.93 46.86
N LYS B 100 2.14 13.25 47.65
CA LYS B 100 1.17 12.26 48.08
C LYS B 100 0.42 11.64 46.90
N GLU B 101 -0.02 12.49 45.99
CA GLU B 101 -0.76 11.99 44.83
C GLU B 101 0.10 11.00 44.05
N ILE B 102 1.37 11.34 43.90
CA ILE B 102 2.31 10.49 43.16
C ILE B 102 2.59 9.14 43.83
N GLU B 103 2.85 9.16 45.15
CA GLU B 103 3.14 7.94 45.87
C GLU B 103 1.94 6.99 45.91
N THR B 104 0.74 7.57 45.99
CA THR B 104 -0.47 6.77 46.04
C THR B 104 -0.95 6.29 44.66
N THR B 105 -1.12 7.22 43.73
CA THR B 105 -1.59 6.90 42.38
C THR B 105 -0.49 6.47 41.45
N GLY B 106 0.73 6.93 41.74
CA GLY B 106 1.87 6.60 40.89
C GLY B 106 1.93 7.48 39.64
N THR B 107 1.64 8.76 39.83
CA THR B 107 1.62 9.76 38.74
C THR B 107 0.86 10.96 39.29
N TYR B 108 0.51 11.89 38.42
CA TYR B 108 -0.23 13.05 38.88
C TYR B 108 -0.72 13.94 37.76
N GLN B 109 -1.58 14.89 38.13
CA GLN B 109 -2.16 15.82 37.19
C GLN B 109 -1.67 17.22 37.49
N LEU B 110 -1.52 18.00 36.44
CA LEU B 110 -1.08 19.38 36.54
C LEU B 110 -2.31 20.26 36.65
N THR B 111 -2.16 21.40 37.30
CA THR B 111 -3.28 22.34 37.39
C THR B 111 -3.22 23.05 36.04
N LEU B 112 -4.36 23.35 35.43
CA LEU B 112 -4.34 24.02 34.13
C LEU B 112 -3.32 25.16 34.11
N ASP B 113 -3.25 25.90 35.20
CA ASP B 113 -2.33 27.02 35.30
C ASP B 113 -0.86 26.59 35.22
N GLU B 114 -0.53 25.47 35.84
CA GLU B 114 0.84 24.96 35.83
C GLU B 114 1.19 24.49 34.42
N LEU B 115 0.20 23.99 33.70
CA LEU B 115 0.36 23.49 32.33
C LEU B 115 0.71 24.65 31.40
N ILE B 116 -0.02 25.74 31.57
CA ILE B 116 0.22 26.93 30.77
C ILE B 116 1.66 27.36 30.96
N PHE B 117 2.09 27.40 32.21
CA PHE B 117 3.46 27.79 32.56
C PHE B 117 4.50 26.87 31.97
N ALA B 118 4.20 25.57 31.95
CA ALA B 118 5.10 24.57 31.41
C ALA B 118 5.35 24.77 29.91
N THR B 119 4.25 24.91 29.15
CA THR B 119 4.32 25.10 27.69
C THR B 119 5.17 26.31 27.28
N LYS B 120 5.05 27.39 28.03
CA LYS B 120 5.81 28.61 27.74
C LYS B 120 7.26 28.47 28.19
N MET B 121 7.50 27.74 29.27
CA MET B 121 8.88 27.53 29.74
C MET B 121 9.54 26.57 28.78
N ALA B 122 8.78 25.58 28.31
CA ALA B 122 9.28 24.59 27.34
C ALA B 122 9.71 25.32 26.05
N TRP B 123 8.91 26.31 25.64
CA TRP B 123 9.23 27.08 24.44
C TRP B 123 10.47 27.93 24.75
N ARG B 124 10.45 28.57 25.92
CA ARG B 124 11.56 29.40 26.36
C ARG B 124 12.90 28.63 26.33
N ASN B 125 12.82 27.33 26.66
CA ASN B 125 13.96 26.43 26.71
C ASN B 125 14.27 25.67 25.40
N ALA B 126 13.66 26.06 24.28
CA ALA B 126 13.92 25.37 23.01
C ALA B 126 15.14 26.00 22.38
N PRO B 127 16.31 25.38 22.55
CA PRO B 127 17.55 25.93 21.98
C PRO B 127 17.61 26.13 20.47
N ARG B 128 16.71 25.48 19.74
CA ARG B 128 16.71 25.63 18.30
C ARG B 128 15.69 26.64 17.76
N CYS B 129 14.93 27.30 18.64
CA CYS B 129 13.94 28.27 18.20
C CYS B 129 14.48 29.70 18.25
N ILE B 130 14.43 30.40 17.11
CA ILE B 130 14.92 31.76 17.05
C ILE B 130 13.87 32.81 17.42
N GLY B 131 12.62 32.39 17.52
CA GLY B 131 11.57 33.34 17.83
C GLY B 131 11.18 33.38 19.28
N ARG B 132 12.06 32.91 20.16
CA ARG B 132 11.75 32.86 21.57
C ARG B 132 11.47 34.16 22.32
N ILE B 133 11.70 35.31 21.72
CA ILE B 133 11.37 36.53 22.44
C ILE B 133 9.87 36.57 22.71
N GLN B 134 9.12 35.80 21.92
CA GLN B 134 7.66 35.68 22.00
C GLN B 134 7.23 34.59 22.97
N TRP B 135 8.18 33.91 23.59
CA TRP B 135 7.90 32.79 24.47
C TRP B 135 6.71 32.85 25.45
N SER B 136 6.46 33.99 26.09
CA SER B 136 5.35 34.08 27.05
C SER B 136 4.00 34.45 26.43
N ASN B 137 4.00 34.61 25.12
CA ASN B 137 2.80 34.97 24.36
C ASN B 137 2.37 33.73 23.57
N LEU B 138 1.64 32.87 24.26
CA LEU B 138 1.17 31.60 23.71
C LEU B 138 -0.23 31.27 24.22
N GLN B 139 -1.09 30.80 23.33
CA GLN B 139 -2.45 30.42 23.68
C GLN B 139 -2.42 28.93 23.93
N VAL B 140 -2.96 28.52 25.07
CA VAL B 140 -2.96 27.10 25.42
C VAL B 140 -4.33 26.46 25.31
N PHE B 141 -4.42 25.40 24.51
CA PHE B 141 -5.68 24.68 24.37
C PHE B 141 -5.54 23.36 25.14
N ASP B 142 -6.28 23.28 26.25
CA ASP B 142 -6.28 22.12 27.13
C ASP B 142 -7.19 21.02 26.59
N ALA B 143 -6.60 20.01 25.96
CA ALA B 143 -7.38 18.92 25.41
C ALA B 143 -7.01 17.62 26.10
N ARG B 144 -6.58 17.75 27.37
CA ARG B 144 -6.17 16.61 28.18
C ARG B 144 -7.33 15.63 28.45
N ASN B 145 -8.55 16.09 28.20
CA ASN B 145 -9.75 15.29 28.42
C ASN B 145 -10.19 14.59 27.14
N CYS B 146 -9.45 14.81 26.07
CA CYS B 146 -9.76 14.20 24.79
C CYS B 146 -9.77 12.68 24.93
N SER B 147 -10.41 11.97 24.01
CA SER B 147 -10.45 10.52 24.11
C SER B 147 -10.70 9.78 22.80
N THR B 148 -11.01 10.52 21.75
CA THR B 148 -11.24 9.90 20.45
C THR B 148 -10.47 10.64 19.36
N ALA B 149 -10.20 9.96 18.25
CA ALA B 149 -9.47 10.57 17.14
C ALA B 149 -10.30 11.73 16.56
N GLN B 150 -11.62 11.61 16.64
CA GLN B 150 -12.54 12.63 16.15
C GLN B 150 -12.39 13.90 16.99
N GLU B 151 -12.25 13.73 18.29
CA GLU B 151 -12.09 14.85 19.20
C GLU B 151 -10.77 15.54 18.92
N MET B 152 -9.73 14.74 18.65
CA MET B 152 -8.40 15.28 18.33
C MET B 152 -8.55 16.15 17.12
N PHE B 153 -9.18 15.59 16.10
CA PHE B 153 -9.41 16.31 14.85
C PHE B 153 -10.13 17.65 15.11
N GLN B 154 -11.12 17.63 15.99
CA GLN B 154 -11.87 18.85 16.29
C GLN B 154 -11.03 19.86 17.05
N HIS B 155 -10.20 19.37 17.96
CA HIS B 155 -9.34 20.26 18.73
C HIS B 155 -8.29 20.84 17.78
N ILE B 156 -7.85 20.03 16.83
CA ILE B 156 -6.84 20.46 15.87
C ILE B 156 -7.38 21.51 14.93
N CYS B 157 -8.64 21.36 14.52
CA CYS B 157 -9.28 22.33 13.64
C CYS B 157 -9.45 23.65 14.38
N ARG B 158 -9.84 23.59 15.65
CA ARG B 158 -10.00 24.78 16.46
C ARG B 158 -8.66 25.49 16.54
N HIS B 159 -7.61 24.71 16.68
CA HIS B 159 -6.26 25.22 16.77
C HIS B 159 -5.93 26.00 15.50
N ILE B 160 -5.97 25.30 14.37
CA ILE B 160 -5.68 25.91 13.09
C ILE B 160 -6.46 27.20 12.87
N LEU B 161 -7.77 27.16 13.09
CA LEU B 161 -8.61 28.36 12.89
C LEU B 161 -8.18 29.50 13.82
N TYR B 162 -7.96 29.18 15.09
CA TYR B 162 -7.53 30.18 16.06
C TYR B 162 -6.19 30.80 15.67
N ALA B 163 -5.20 29.94 15.45
CA ALA B 163 -3.86 30.35 15.10
C ALA B 163 -3.77 31.10 13.77
N THR B 164 -4.56 30.70 12.77
CA THR B 164 -4.52 31.36 11.47
C THR B 164 -5.08 32.77 11.55
N ASN B 165 -6.18 32.90 12.27
CA ASN B 165 -6.80 34.19 12.50
C ASN B 165 -6.82 35.13 11.30
N ASN B 166 -7.15 34.57 10.13
CA ASN B 166 -7.26 35.33 8.88
C ASN B 166 -5.98 36.03 8.38
N GLY B 167 -4.81 35.45 8.70
CA GLY B 167 -3.57 36.07 8.26
C GLY B 167 -2.79 36.73 9.38
N ASN B 168 -3.47 37.10 10.46
CA ASN B 168 -2.83 37.72 11.61
C ASN B 168 -2.48 36.54 12.52
N ILE B 169 -1.44 35.80 12.15
CA ILE B 169 -1.04 34.59 12.89
C ILE B 169 -0.89 34.78 14.39
N ARG B 170 -1.39 33.81 15.14
CA ARG B 170 -1.34 33.79 16.61
C ARG B 170 -0.72 32.46 17.06
N SER B 171 0.26 32.51 17.96
CA SER B 171 0.91 31.30 18.47
C SER B 171 0.01 30.57 19.46
N ALA B 172 -0.07 29.26 19.31
CA ALA B 172 -0.90 28.46 20.18
C ALA B 172 -0.38 27.03 20.26
N ILE B 173 -0.87 26.29 21.25
CA ILE B 173 -0.48 24.90 21.43
C ILE B 173 -1.68 24.18 21.99
N THR B 174 -1.85 22.93 21.57
CA THR B 174 -2.94 22.11 22.07
C THR B 174 -2.36 20.87 22.75
N VAL B 175 -2.57 20.82 24.06
CA VAL B 175 -2.08 19.72 24.88
C VAL B 175 -3.06 18.57 24.98
N PHE B 176 -2.71 17.42 24.42
CA PHE B 176 -3.58 16.26 24.51
C PHE B 176 -3.18 15.45 25.74
N PRO B 177 -3.98 14.43 26.10
CA PRO B 177 -3.72 13.59 27.28
C PRO B 177 -2.29 13.07 27.49
N GLN B 178 -1.72 13.38 28.65
CA GLN B 178 -0.37 12.95 29.00
C GLN B 178 -0.26 11.44 28.95
N ARG B 179 0.94 10.98 28.62
CA ARG B 179 1.22 9.55 28.58
C ARG B 179 1.03 8.98 29.98
N SER B 180 0.42 7.81 30.07
CA SER B 180 0.19 7.16 31.36
C SER B 180 1.07 5.93 31.57
N ASP B 181 0.82 4.87 30.79
CA ASP B 181 1.57 3.63 30.91
C ASP B 181 2.49 3.41 29.71
N GLY B 182 2.26 4.18 28.65
CA GLY B 182 3.08 4.06 27.46
C GLY B 182 2.36 3.29 26.37
N LYS B 183 1.26 2.63 26.71
CA LYS B 183 0.50 1.87 25.73
C LYS B 183 -0.72 2.67 25.28
N HIS B 184 -0.89 3.83 25.88
CA HIS B 184 -2.03 4.68 25.56
C HIS B 184 -1.61 6.08 25.15
N ASP B 185 -0.70 6.14 24.19
CA ASP B 185 -0.20 7.40 23.68
C ASP B 185 -1.11 8.06 22.66
N PHE B 186 -1.36 9.35 22.86
CA PHE B 186 -2.14 10.12 21.88
C PHE B 186 -1.01 10.55 20.95
N ARG B 187 -1.22 10.46 19.64
CA ARG B 187 -0.16 10.85 18.71
C ARG B 187 -0.65 11.35 17.38
N LEU B 188 0.02 12.38 16.88
CA LEU B 188 -0.29 12.92 15.56
C LEU B 188 0.85 12.31 14.76
N TRP B 189 0.54 11.65 13.66
CA TRP B 189 1.56 11.02 12.85
C TRP B 189 2.22 12.00 11.88
N ASN B 190 1.62 13.17 11.75
CA ASN B 190 2.16 14.19 10.86
C ASN B 190 3.36 14.90 11.50
N SER B 191 4.30 15.35 10.69
CA SER B 191 5.45 16.07 11.21
C SER B 191 4.92 17.42 11.66
N GLN B 192 4.17 18.07 10.78
CA GLN B 192 3.58 19.35 11.10
C GLN B 192 2.11 19.29 10.73
N LEU B 193 1.33 20.22 11.26
CA LEU B 193 -0.09 20.25 11.00
C LEU B 193 -0.38 20.35 9.51
N ILE B 194 0.14 21.39 8.88
CA ILE B 194 -0.08 21.60 7.45
C ILE B 194 1.21 21.33 6.69
N ARG B 195 1.10 20.52 5.65
CA ARG B 195 2.26 20.14 4.85
C ARG B 195 1.76 19.57 3.53
N TYR B 196 2.53 19.72 2.45
CA TYR B 196 2.13 19.22 1.13
C TYR B 196 2.57 17.80 0.82
N ALA B 197 1.77 17.11 0.01
CA ALA B 197 2.04 15.74 -0.36
C ALA B 197 3.11 15.68 -1.44
N GLY B 198 3.82 14.57 -1.47
CA GLY B 198 4.85 14.37 -2.45
C GLY B 198 4.51 13.12 -3.24
N TYR B 199 4.41 13.24 -4.56
CA TYR B 199 4.05 12.10 -5.39
C TYR B 199 5.13 11.65 -6.36
N GLN B 200 5.43 10.37 -6.33
CA GLN B 200 6.40 9.76 -7.23
C GLN B 200 5.59 9.43 -8.49
N MET B 201 5.53 10.37 -9.43
CA MET B 201 4.76 10.17 -10.64
C MET B 201 5.14 8.92 -11.41
N PRO B 202 4.26 8.46 -12.32
CA PRO B 202 4.55 7.25 -13.11
C PRO B 202 5.80 7.40 -13.96
N ASP B 203 5.97 8.58 -14.57
CA ASP B 203 7.12 8.87 -15.43
C ASP B 203 8.42 9.11 -14.66
N GLY B 204 8.51 8.56 -13.45
CA GLY B 204 9.72 8.72 -12.65
C GLY B 204 9.88 10.04 -11.91
N THR B 205 9.32 11.12 -12.45
CA THR B 205 9.44 12.42 -11.81
C THR B 205 8.70 12.44 -10.48
N ILE B 206 9.09 13.38 -9.62
CA ILE B 206 8.46 13.55 -8.33
C ILE B 206 7.68 14.85 -8.38
N ARG B 207 6.45 14.83 -7.91
CA ARG B 207 5.61 16.02 -7.90
C ARG B 207 5.29 16.42 -6.48
N GLY B 208 5.25 17.73 -6.24
CA GLY B 208 4.97 18.24 -4.92
C GLY B 208 6.23 18.28 -4.08
N ASP B 209 6.08 17.93 -2.80
CA ASP B 209 7.19 17.94 -1.85
C ASP B 209 7.89 16.59 -1.72
N ALA B 210 9.01 16.46 -2.40
CA ALA B 210 9.79 15.23 -2.38
C ALA B 210 10.10 14.73 -0.97
N ALA B 211 10.09 15.63 0.01
CA ALA B 211 10.41 15.26 1.40
C ALA B 211 9.29 14.48 2.11
N THR B 212 8.09 14.52 1.54
CA THR B 212 6.95 13.80 2.14
C THR B 212 6.55 12.58 1.33
N LEU B 213 7.42 12.13 0.44
CA LEU B 213 7.14 10.96 -0.38
C LEU B 213 6.65 9.80 0.47
N GLU B 214 7.37 9.49 1.53
CA GLU B 214 6.96 8.39 2.38
C GLU B 214 5.63 8.59 3.09
N PHE B 215 5.53 9.63 3.92
CA PHE B 215 4.30 9.89 4.65
C PHE B 215 3.10 9.99 3.70
N THR B 216 3.30 10.59 2.53
CA THR B 216 2.20 10.71 1.58
C THR B 216 1.72 9.32 1.19
N GLN B 217 2.63 8.37 1.25
CA GLN B 217 2.32 6.99 0.93
C GLN B 217 1.49 6.39 2.06
N LEU B 218 2.04 6.39 3.26
CA LEU B 218 1.33 5.88 4.41
C LEU B 218 -0.10 6.40 4.37
N CYS B 219 -0.28 7.64 3.94
CA CYS B 219 -1.60 8.24 3.85
C CYS B 219 -2.45 7.52 2.82
N ILE B 220 -1.90 7.34 1.63
CA ILE B 220 -2.59 6.64 0.55
C ILE B 220 -2.99 5.25 1.03
N ASP B 221 -2.04 4.60 1.68
CA ASP B 221 -2.25 3.26 2.22
C ASP B 221 -3.34 3.22 3.26
N LEU B 222 -3.57 4.33 3.94
CA LEU B 222 -4.60 4.40 4.98
C LEU B 222 -5.95 4.85 4.46
N GLY B 223 -6.11 4.89 3.15
CA GLY B 223 -7.38 5.29 2.57
C GLY B 223 -7.41 6.68 1.96
N TRP B 224 -6.47 7.55 2.32
CA TRP B 224 -6.47 8.89 1.75
C TRP B 224 -6.40 8.79 0.23
N LYS B 225 -7.13 9.67 -0.43
CA LYS B 225 -7.20 9.68 -1.88
C LYS B 225 -6.19 10.68 -2.47
N PRO B 226 -5.17 10.18 -3.18
CA PRO B 226 -4.15 11.05 -3.80
C PRO B 226 -4.80 12.01 -4.78
N ARG B 227 -4.25 13.21 -4.89
CA ARG B 227 -4.81 14.21 -5.79
C ARG B 227 -3.79 14.65 -6.83
N TYR B 228 -2.61 14.03 -6.76
CA TYR B 228 -1.50 14.30 -7.66
C TYR B 228 -1.28 15.76 -8.07
N GLY B 229 -1.11 16.63 -7.08
CA GLY B 229 -0.88 18.04 -7.34
C GLY B 229 0.47 18.44 -6.77
N ARG B 230 0.88 19.67 -7.01
CA ARG B 230 2.16 20.15 -6.47
C ARG B 230 1.97 20.60 -5.03
N PHE B 231 0.78 21.12 -4.74
CA PHE B 231 0.44 21.61 -3.42
C PHE B 231 -0.84 21.00 -2.82
N ASP B 232 -0.86 19.68 -2.66
CA ASP B 232 -2.02 19.05 -2.06
C ASP B 232 -1.73 18.90 -0.58
N VAL B 233 -2.55 19.55 0.25
CA VAL B 233 -2.37 19.45 1.69
C VAL B 233 -2.65 18.01 2.14
N LEU B 234 -1.66 17.43 2.82
CA LEU B 234 -1.78 16.05 3.32
C LEU B 234 -2.84 15.95 4.42
N PRO B 235 -3.43 14.75 4.58
CA PRO B 235 -4.46 14.52 5.60
C PRO B 235 -3.87 14.46 7.00
N LEU B 236 -4.73 14.61 8.00
CA LEU B 236 -4.34 14.55 9.40
C LEU B 236 -4.45 13.08 9.82
N VAL B 237 -3.34 12.47 10.22
CA VAL B 237 -3.34 11.08 10.66
C VAL B 237 -3.23 11.10 12.17
N LEU B 238 -4.31 10.73 12.86
CA LEU B 238 -4.33 10.77 14.32
C LEU B 238 -4.55 9.44 15.02
N GLN B 239 -3.88 9.26 16.16
CA GLN B 239 -4.05 8.06 16.96
C GLN B 239 -4.37 8.51 18.40
N ALA B 240 -5.55 8.15 18.87
CA ALA B 240 -5.98 8.51 20.22
C ALA B 240 -5.85 7.30 21.14
N ASP B 241 -5.56 7.56 22.42
CA ASP B 241 -5.41 6.49 23.41
C ASP B 241 -4.26 5.57 22.96
N GLY B 242 -4.56 4.54 22.20
CA GLY B 242 -3.50 3.68 21.74
C GLY B 242 -3.87 3.06 20.41
N GLN B 243 -5.09 3.36 19.95
CA GLN B 243 -5.59 2.80 18.72
C GLN B 243 -4.88 3.22 17.44
N ASP B 244 -5.05 2.41 16.39
CA ASP B 244 -4.44 2.69 15.11
C ASP B 244 -4.94 4.04 14.63
N PRO B 245 -4.09 4.79 13.94
CA PRO B 245 -4.44 6.12 13.43
C PRO B 245 -5.61 6.18 12.46
N GLU B 246 -6.32 7.31 12.50
CA GLU B 246 -7.45 7.56 11.62
C GLU B 246 -7.11 8.74 10.72
N VAL B 247 -7.41 8.61 9.44
CA VAL B 247 -7.13 9.66 8.47
C VAL B 247 -8.24 10.70 8.40
N PHE B 248 -7.88 11.98 8.50
CA PHE B 248 -8.83 13.09 8.44
C PHE B 248 -8.34 14.17 7.46
N GLU B 249 -9.17 14.54 6.48
CA GLU B 249 -8.78 15.58 5.53
C GLU B 249 -9.00 16.91 6.22
N ILE B 250 -8.03 17.81 6.13
CA ILE B 250 -8.17 19.12 6.78
C ILE B 250 -9.11 20.02 5.99
N PRO B 251 -10.19 20.49 6.64
CA PRO B 251 -11.14 21.36 5.96
C PRO B 251 -10.42 22.52 5.27
N PRO B 252 -10.49 22.55 3.93
CA PRO B 252 -9.87 23.54 3.04
C PRO B 252 -10.11 25.01 3.42
N ASP B 253 -11.27 25.33 3.95
CA ASP B 253 -11.55 26.70 4.34
C ASP B 253 -10.68 27.12 5.53
N LEU B 254 -9.98 26.14 6.12
CA LEU B 254 -9.11 26.36 7.28
C LEU B 254 -7.64 26.47 6.93
N VAL B 255 -7.28 26.19 5.69
CA VAL B 255 -5.88 26.28 5.26
C VAL B 255 -5.65 27.55 4.46
N LEU B 256 -4.97 28.52 5.07
CA LEU B 256 -4.67 29.79 4.43
C LEU B 256 -3.39 29.63 3.64
N GLU B 257 -3.37 30.14 2.42
CA GLU B 257 -2.18 30.03 1.58
C GLU B 257 -1.85 31.38 0.97
N VAL B 258 -0.58 31.53 0.57
CA VAL B 258 -0.09 32.74 -0.04
C VAL B 258 0.49 32.41 -1.42
N THR B 259 -0.02 33.09 -2.44
CA THR B 259 0.46 32.84 -3.79
C THR B 259 1.68 33.69 -3.99
N MET B 260 2.75 33.05 -4.43
CA MET B 260 4.03 33.72 -4.64
C MET B 260 4.18 34.57 -5.90
N GLU B 261 4.53 35.83 -5.71
CA GLU B 261 4.76 36.72 -6.84
C GLU B 261 5.87 37.68 -6.43
N HIS B 262 6.66 38.07 -7.41
CA HIS B 262 7.78 38.96 -7.18
C HIS B 262 7.39 40.41 -7.44
N PRO B 263 7.92 41.34 -6.63
CA PRO B 263 7.63 42.77 -6.76
C PRO B 263 8.12 43.40 -8.04
N LYS B 264 9.09 42.76 -8.70
CA LYS B 264 9.63 43.29 -9.93
C LYS B 264 9.49 42.33 -11.11
N TYR B 265 9.70 41.03 -10.88
CA TYR B 265 9.59 40.02 -11.95
C TYR B 265 8.19 39.47 -12.08
N GLU B 266 7.48 39.88 -13.13
CA GLU B 266 6.11 39.41 -13.34
C GLU B 266 6.10 37.91 -13.63
N TRP B 267 7.18 37.42 -14.23
CA TRP B 267 7.27 36.01 -14.54
C TRP B 267 7.35 35.18 -13.28
N PHE B 268 7.70 35.80 -12.16
CA PHE B 268 7.82 35.00 -10.95
C PHE B 268 6.49 34.36 -10.67
N GLN B 269 5.43 35.12 -10.88
CA GLN B 269 4.08 34.62 -10.67
C GLN B 269 3.81 33.43 -11.61
N GLU B 270 4.50 33.40 -12.75
CA GLU B 270 4.34 32.32 -13.72
C GLU B 270 4.83 30.99 -13.16
N LEU B 271 5.84 31.04 -12.28
CA LEU B 271 6.38 29.83 -11.68
C LEU B 271 5.29 29.00 -11.01
N GLY B 272 4.16 29.65 -10.71
CA GLY B 272 3.04 28.98 -10.08
C GLY B 272 3.23 28.44 -8.66
N LEU B 273 4.02 29.14 -7.85
CA LEU B 273 4.27 28.71 -6.47
C LEU B 273 3.34 29.36 -5.46
N LYS B 274 3.21 28.71 -4.31
CA LYS B 274 2.42 29.23 -3.21
C LYS B 274 2.86 28.43 -2.00
N TRP B 275 2.42 28.84 -0.83
CA TRP B 275 2.78 28.08 0.38
C TRP B 275 1.71 28.32 1.44
N TYR B 276 1.64 27.42 2.43
CA TYR B 276 0.66 27.58 3.50
C TYR B 276 1.19 28.63 4.49
N ALA B 277 0.27 29.34 5.13
CA ALA B 277 0.66 30.39 6.06
C ALA B 277 0.97 29.95 7.49
N LEU B 278 0.60 28.73 7.86
CA LEU B 278 0.80 28.28 9.23
C LEU B 278 1.87 27.23 9.47
N PRO B 279 2.92 27.58 10.24
CA PRO B 279 4.01 26.64 10.56
C PRO B 279 3.65 26.07 11.94
N ALA B 280 3.32 24.78 11.98
CA ALA B 280 2.92 24.14 13.23
C ALA B 280 3.51 22.74 13.37
N VAL B 281 4.25 22.52 14.46
CA VAL B 281 4.87 21.22 14.76
C VAL B 281 3.80 20.28 15.30
N ALA B 282 3.74 19.07 14.78
CA ALA B 282 2.72 18.13 15.21
C ALA B 282 3.26 16.90 15.92
N ASN B 283 4.57 16.66 15.79
CA ASN B 283 5.18 15.47 16.35
C ASN B 283 6.17 15.55 17.52
N MET B 284 6.19 16.65 18.27
CA MET B 284 7.13 16.66 19.36
C MET B 284 6.47 16.30 20.70
N LEU B 285 7.28 16.00 21.71
CA LEU B 285 6.76 15.63 23.01
C LEU B 285 7.09 16.70 24.03
N LEU B 286 6.11 17.06 24.85
CA LEU B 286 6.35 18.06 25.87
C LEU B 286 6.65 17.34 27.19
N GLU B 287 7.79 17.66 27.78
CA GLU B 287 8.18 17.08 29.06
C GLU B 287 8.09 18.17 30.11
N VAL B 288 7.48 17.83 31.24
CA VAL B 288 7.35 18.77 32.34
C VAL B 288 7.16 17.97 33.63
N GLY B 289 7.98 18.26 34.62
CA GLY B 289 7.92 17.60 35.91
C GLY B 289 7.75 16.09 35.88
N GLY B 290 8.38 15.39 34.93
CA GLY B 290 8.25 13.95 34.90
C GLY B 290 7.12 13.48 34.03
N LEU B 291 6.22 14.40 33.72
CA LEU B 291 5.08 14.08 32.87
C LEU B 291 5.48 14.20 31.39
N GLU B 292 4.88 13.35 30.56
CA GLU B 292 5.18 13.35 29.14
C GLU B 292 3.91 13.51 28.33
N PHE B 293 3.91 14.46 27.39
CA PHE B 293 2.76 14.65 26.53
C PHE B 293 3.23 14.36 25.11
N PRO B 294 3.00 13.12 24.64
CA PRO B 294 3.41 12.73 23.29
C PRO B 294 2.67 13.42 22.15
N ALA B 295 1.52 14.03 22.45
CA ALA B 295 0.73 14.73 21.44
C ALA B 295 0.49 16.17 21.91
N CYS B 296 1.18 17.12 21.28
CA CYS B 296 1.04 18.53 21.67
C CYS B 296 1.46 19.48 20.56
N PRO B 297 0.69 19.51 19.45
CA PRO B 297 1.03 20.41 18.34
C PRO B 297 1.06 21.88 18.73
N PHE B 298 2.02 22.61 18.19
CA PHE B 298 2.14 24.04 18.46
C PHE B 298 2.56 24.79 17.21
N ASN B 299 2.34 26.11 17.22
CA ASN B 299 2.70 26.91 16.07
C ASN B 299 3.04 28.35 16.40
N GLY B 300 3.77 28.96 15.48
CA GLY B 300 4.13 30.36 15.60
C GLY B 300 3.85 30.91 14.21
N TRP B 301 4.68 31.83 13.72
CA TRP B 301 4.49 32.34 12.39
C TRP B 301 5.81 32.13 11.68
N TYR B 302 5.79 32.20 10.36
CA TYR B 302 6.98 31.97 9.54
C TYR B 302 8.07 33.02 9.57
N MET B 303 9.27 32.58 9.19
CA MET B 303 10.43 33.43 9.04
C MET B 303 10.75 33.17 7.58
N GLY B 304 10.77 34.22 6.77
CA GLY B 304 11.00 34.11 5.33
C GLY B 304 11.86 33.01 4.74
N THR B 305 13.08 32.89 5.26
CA THR B 305 14.03 31.91 4.76
C THR B 305 13.58 30.45 4.87
N GLU B 306 12.64 30.18 5.78
CA GLU B 306 12.13 28.82 5.95
C GLU B 306 11.50 28.41 4.63
N ILE B 307 10.67 29.29 4.08
CA ILE B 307 9.99 29.04 2.81
C ILE B 307 10.94 29.37 1.66
N GLY B 308 11.36 30.62 1.58
CA GLY B 308 12.23 31.03 0.50
C GLY B 308 13.52 30.26 0.32
N VAL B 309 14.18 29.91 1.42
CA VAL B 309 15.45 29.21 1.30
C VAL B 309 15.37 27.69 1.36
N ARG B 310 14.80 27.17 2.45
CA ARG B 310 14.71 25.72 2.65
C ARG B 310 13.65 25.02 1.82
N ASP B 311 12.38 25.36 2.01
CA ASP B 311 11.29 24.74 1.27
C ASP B 311 11.40 24.83 -0.25
N PHE B 312 11.71 26.03 -0.76
CA PHE B 312 11.84 26.23 -2.20
C PHE B 312 13.17 25.86 -2.82
N CYS B 313 14.27 26.08 -2.12
CA CYS B 313 15.57 25.81 -2.72
C CYS B 313 16.35 24.56 -2.31
N ASP B 314 15.98 23.91 -1.23
CA ASP B 314 16.69 22.68 -0.88
C ASP B 314 16.52 21.77 -2.09
N THR B 315 17.55 21.04 -2.49
CA THR B 315 17.41 20.16 -3.64
C THR B 315 16.42 19.02 -3.43
N GLN B 316 16.32 18.52 -2.19
CA GLN B 316 15.41 17.43 -1.88
C GLN B 316 14.00 17.91 -1.50
N ARG B 317 13.69 19.16 -1.85
CA ARG B 317 12.38 19.77 -1.60
C ARG B 317 11.87 20.29 -2.95
N TYR B 318 11.34 21.51 -2.99
CA TYR B 318 10.82 22.03 -4.24
C TYR B 318 11.88 22.42 -5.26
N ASN B 319 13.14 22.42 -4.83
CA ASN B 319 14.27 22.69 -5.70
C ASN B 319 14.08 23.65 -6.91
N ILE B 320 13.56 24.84 -6.67
CA ILE B 320 13.32 25.79 -7.76
C ILE B 320 14.49 26.71 -8.11
N LEU B 321 15.67 26.47 -7.57
CA LEU B 321 16.81 27.36 -7.82
C LEU B 321 17.23 27.61 -9.25
N GLU B 322 17.59 26.57 -9.97
CA GLU B 322 18.02 26.75 -11.35
C GLU B 322 16.94 27.38 -12.23
N GLU B 323 15.69 26.96 -12.03
CA GLU B 323 14.58 27.50 -12.79
C GLU B 323 14.57 29.01 -12.63
N VAL B 324 14.60 29.48 -11.39
CA VAL B 324 14.60 30.91 -11.08
C VAL B 324 15.87 31.56 -11.62
N GLY B 325 16.98 30.85 -11.53
CA GLY B 325 18.24 31.35 -12.02
C GLY B 325 18.20 31.62 -13.53
N ARG B 326 17.50 30.76 -14.27
CA ARG B 326 17.38 30.91 -15.72
C ARG B 326 16.47 32.08 -16.07
N ARG B 327 15.31 32.16 -15.41
CA ARG B 327 14.34 33.23 -15.64
C ARG B 327 15.00 34.58 -15.41
N MET B 328 16.00 34.59 -14.55
CA MET B 328 16.74 35.79 -14.23
C MET B 328 17.86 36.07 -15.25
N GLY B 329 18.12 35.09 -16.11
CA GLY B 329 19.14 35.22 -17.13
C GLY B 329 20.58 35.21 -16.64
N LEU B 330 20.83 34.43 -15.58
CA LEU B 330 22.14 34.33 -14.98
C LEU B 330 22.94 33.18 -15.58
N GLU B 331 24.26 33.19 -15.38
CA GLU B 331 25.15 32.15 -15.90
C GLU B 331 25.01 30.86 -15.06
N THR B 332 23.86 30.20 -15.20
CA THR B 332 23.54 28.98 -14.46
C THR B 332 24.56 27.85 -14.51
N HIS B 333 25.56 27.96 -15.38
CA HIS B 333 26.57 26.91 -15.50
C HIS B 333 27.91 27.29 -14.92
N THR B 334 28.07 28.57 -14.62
CA THR B 334 29.30 29.07 -14.04
C THR B 334 28.99 29.29 -12.57
N LEU B 335 29.30 28.29 -11.76
CA LEU B 335 29.06 28.32 -10.32
C LEU B 335 29.69 29.55 -9.68
N ALA B 336 30.90 29.88 -10.13
CA ALA B 336 31.64 31.03 -9.60
C ALA B 336 30.97 32.37 -9.86
N SER B 337 29.97 32.38 -10.74
CA SER B 337 29.28 33.61 -11.07
C SER B 337 28.39 34.05 -9.92
N LEU B 338 28.17 33.16 -8.96
CA LEU B 338 27.33 33.40 -7.77
C LEU B 338 25.85 33.62 -8.10
N TRP B 339 25.38 32.96 -9.17
CA TRP B 339 24.00 33.10 -9.60
C TRP B 339 23.05 32.53 -8.56
N LYS B 340 23.49 31.48 -7.87
CA LYS B 340 22.66 30.89 -6.84
C LYS B 340 22.37 31.93 -5.74
N ASP B 341 23.39 32.70 -5.36
CA ASP B 341 23.23 33.72 -4.32
C ASP B 341 22.27 34.79 -4.80
N ARG B 342 22.33 35.05 -6.08
CA ARG B 342 21.49 36.04 -6.73
C ARG B 342 20.03 35.57 -6.74
N ALA B 343 19.83 34.32 -7.16
CA ALA B 343 18.50 33.74 -7.26
C ALA B 343 17.81 33.66 -5.92
N VAL B 344 18.40 32.89 -5.00
CA VAL B 344 17.79 32.70 -3.69
C VAL B 344 17.34 33.99 -3.01
N THR B 345 18.02 35.10 -3.26
CA THR B 345 17.61 36.36 -2.64
C THR B 345 16.32 36.88 -3.28
N GLU B 346 16.25 36.77 -4.60
CA GLU B 346 15.05 37.23 -5.29
C GLU B 346 13.85 36.42 -4.79
N ILE B 347 14.08 35.13 -4.53
CA ILE B 347 13.03 34.25 -4.02
C ILE B 347 12.64 34.67 -2.59
N ASN B 348 13.62 35.00 -1.77
CA ASN B 348 13.33 35.43 -0.39
C ASN B 348 12.51 36.72 -0.43
N VAL B 349 12.80 37.57 -1.41
CA VAL B 349 12.08 38.81 -1.56
C VAL B 349 10.64 38.51 -1.98
N ALA B 350 10.47 37.54 -2.87
CA ALA B 350 9.15 37.16 -3.33
C ALA B 350 8.32 36.67 -2.14
N VAL B 351 8.87 35.71 -1.40
CA VAL B 351 8.19 35.16 -0.22
C VAL B 351 7.74 36.30 0.67
N LEU B 352 8.70 37.10 1.08
CA LEU B 352 8.43 38.24 1.95
C LEU B 352 7.38 39.18 1.36
N HIS B 353 7.56 39.52 0.09
CA HIS B 353 6.63 40.40 -0.61
C HIS B 353 5.20 39.85 -0.64
N SER B 354 5.06 38.59 -1.04
CA SER B 354 3.75 37.94 -1.12
C SER B 354 2.99 37.95 0.21
N PHE B 355 3.64 37.53 1.29
CA PHE B 355 3.00 37.51 2.61
C PHE B 355 2.54 38.90 3.01
N GLN B 356 3.38 39.89 2.82
CA GLN B 356 3.03 41.27 3.17
C GLN B 356 1.83 41.73 2.34
N LYS B 357 1.93 41.57 1.03
CA LYS B 357 0.88 41.99 0.12
C LYS B 357 -0.45 41.34 0.48
N GLN B 358 -0.40 40.10 0.94
CA GLN B 358 -1.64 39.41 1.29
C GLN B 358 -2.00 39.50 2.76
N ASN B 359 -1.29 40.38 3.47
CA ASN B 359 -1.51 40.63 4.89
C ASN B 359 -1.42 39.46 5.86
N VAL B 360 -0.46 38.57 5.59
CA VAL B 360 -0.22 37.40 6.44
C VAL B 360 1.10 37.65 7.17
N THR B 361 1.09 37.44 8.48
CA THR B 361 2.28 37.63 9.31
C THR B 361 3.48 36.80 8.86
N ILE B 362 4.63 37.45 8.80
CA ILE B 362 5.89 36.79 8.45
C ILE B 362 7.00 37.77 8.87
N MET B 363 8.16 37.24 9.25
CA MET B 363 9.28 38.09 9.66
C MET B 363 10.55 37.69 8.87
N ASP B 364 11.30 38.69 8.39
CA ASP B 364 12.53 38.42 7.64
C ASP B 364 13.59 37.93 8.61
N HIS B 365 14.61 37.25 8.10
CA HIS B 365 15.64 36.69 8.96
C HIS B 365 16.53 37.68 9.70
N HIS B 366 16.72 38.86 9.11
CA HIS B 366 17.53 39.92 9.73
C HIS B 366 16.81 40.44 10.97
N THR B 367 15.54 40.81 10.80
CA THR B 367 14.74 41.30 11.92
C THR B 367 14.62 40.22 12.98
N ALA B 368 14.43 38.98 12.55
CA ALA B 368 14.27 37.87 13.49
C ALA B 368 15.52 37.68 14.33
N SER B 369 16.68 37.81 13.68
CA SER B 369 17.95 37.65 14.40
C SER B 369 18.23 38.75 15.42
N GLU B 370 17.92 40.01 15.09
CA GLU B 370 18.14 41.09 16.04
C GLU B 370 17.17 40.86 17.18
N SER B 371 16.05 40.26 16.81
CA SER B 371 14.99 39.94 17.75
C SER B 371 15.48 38.93 18.79
N PHE B 372 16.15 37.88 18.33
CA PHE B 372 16.67 36.87 19.24
C PHE B 372 17.81 37.37 20.11
N MET B 373 18.63 38.25 19.55
CA MET B 373 19.76 38.83 20.27
C MET B 373 19.22 39.60 21.46
N LYS B 374 18.18 40.38 21.22
CA LYS B 374 17.56 41.14 22.29
C LYS B 374 16.99 40.19 23.33
N HIS B 375 16.44 39.08 22.86
CA HIS B 375 15.85 38.09 23.77
C HIS B 375 16.92 37.46 24.64
N MET B 376 17.95 36.95 24.00
CA MET B 376 19.04 36.30 24.71
C MET B 376 19.56 37.21 25.83
N GLN B 377 19.74 38.49 25.50
CA GLN B 377 20.20 39.47 26.49
C GLN B 377 19.25 39.54 27.68
N ASN B 378 17.95 39.61 27.40
CA ASN B 378 16.97 39.66 28.48
C ASN B 378 17.14 38.39 29.32
N GLU B 379 17.33 37.26 28.65
CA GLU B 379 17.48 35.96 29.31
C GLU B 379 18.64 35.87 30.30
N TYR B 380 19.77 36.49 29.97
CA TYR B 380 20.90 36.46 30.87
C TYR B 380 20.57 37.32 32.09
N ARG B 381 20.09 38.55 31.86
CA ARG B 381 19.69 39.45 32.93
C ARG B 381 18.67 38.73 33.82
N ALA B 382 17.67 38.12 33.17
CA ALA B 382 16.60 37.40 33.86
C ALA B 382 17.07 36.18 34.64
N ARG B 383 17.71 35.22 33.99
CA ARG B 383 18.17 34.03 34.71
C ARG B 383 19.57 33.50 34.39
N GLY B 384 20.46 34.40 33.99
CA GLY B 384 21.83 34.03 33.70
C GLY B 384 22.02 32.90 32.71
N GLY B 385 21.36 33.01 31.56
CA GLY B 385 21.50 31.97 30.57
C GLY B 385 20.37 31.88 29.58
N CYS B 386 20.65 31.18 28.49
CA CYS B 386 19.69 30.97 27.43
C CYS B 386 20.20 29.83 26.57
N PRO B 387 19.59 28.65 26.69
CA PRO B 387 20.08 27.55 25.85
C PRO B 387 19.90 27.94 24.38
N ALA B 388 20.99 27.86 23.62
CA ALA B 388 20.96 28.23 22.21
C ALA B 388 21.75 27.26 21.34
N ASP B 389 21.18 26.90 20.20
CA ASP B 389 21.87 26.02 19.25
C ASP B 389 22.27 26.88 18.07
N TRP B 390 23.51 27.37 18.10
CA TRP B 390 24.04 28.23 17.05
C TRP B 390 23.73 27.69 15.64
N ILE B 391 23.95 26.40 15.42
CA ILE B 391 23.71 25.75 14.12
C ILE B 391 22.31 25.91 13.56
N TRP B 392 21.32 25.95 14.44
CA TRP B 392 19.94 26.12 14.01
C TRP B 392 19.54 27.59 14.02
N LEU B 393 20.05 28.35 14.98
CA LEU B 393 19.70 29.75 15.09
C LEU B 393 20.23 30.66 13.95
N VAL B 394 21.42 30.38 13.42
CA VAL B 394 21.95 31.16 12.31
C VAL B 394 21.18 30.79 11.03
N PRO B 395 20.54 31.78 10.38
CA PRO B 395 19.76 31.58 9.15
C PRO B 395 20.48 30.83 8.03
N PRO B 396 19.73 30.07 7.22
CA PRO B 396 20.29 29.30 6.11
C PRO B 396 20.91 30.16 5.02
N VAL B 397 20.83 31.46 5.21
CA VAL B 397 21.38 32.37 4.22
C VAL B 397 21.86 33.65 4.93
N SER B 398 22.94 34.24 4.44
CA SER B 398 23.48 35.47 5.03
C SER B 398 23.89 35.35 6.50
N GLY B 399 24.47 34.20 6.85
CA GLY B 399 24.90 33.95 8.21
C GLY B 399 25.60 35.07 8.96
N SER B 400 26.85 35.38 8.60
CA SER B 400 27.63 36.42 9.29
C SER B 400 27.08 37.84 9.18
N ILE B 401 26.10 38.06 8.31
CA ILE B 401 25.50 39.37 8.14
C ILE B 401 24.46 39.52 9.24
N THR B 402 24.25 38.43 9.94
CA THR B 402 23.28 38.39 11.01
C THR B 402 24.05 38.46 12.34
N PRO B 403 23.51 39.15 13.35
CA PRO B 403 24.27 39.20 14.62
C PRO B 403 24.44 37.88 15.36
N VAL B 404 23.45 36.98 15.29
CA VAL B 404 23.53 35.70 15.99
C VAL B 404 24.78 34.91 15.62
N PHE B 405 25.26 35.07 14.40
CA PHE B 405 26.44 34.38 13.92
C PHE B 405 27.69 34.70 14.74
N HIS B 406 27.80 35.96 15.17
CA HIS B 406 28.96 36.42 15.94
C HIS B 406 28.87 36.17 17.45
N GLN B 407 27.76 35.62 17.90
CA GLN B 407 27.53 35.36 19.32
C GLN B 407 27.83 33.92 19.73
N GLU B 408 28.70 33.73 20.72
CA GLU B 408 29.00 32.39 21.20
C GLU B 408 27.78 32.00 22.00
N MET B 409 27.40 30.73 21.93
CA MET B 409 26.21 30.25 22.62
C MET B 409 26.42 28.89 23.26
N LEU B 410 25.68 28.64 24.33
CA LEU B 410 25.76 27.39 25.07
C LEU B 410 24.44 26.66 24.89
N ASN B 411 24.56 25.44 24.39
CA ASN B 411 23.41 24.60 24.12
C ASN B 411 23.24 23.48 25.14
N TYR B 412 22.15 23.54 25.90
CA TYR B 412 21.85 22.51 26.90
C TYR B 412 20.34 22.27 26.99
N VAL B 413 19.97 21.12 27.55
CA VAL B 413 18.56 20.73 27.71
C VAL B 413 18.06 20.99 29.14
N LEU B 414 17.06 21.86 29.27
CA LEU B 414 16.47 22.15 30.58
C LEU B 414 15.10 21.45 30.65
N SER B 415 14.27 21.86 31.60
CA SER B 415 12.94 21.27 31.73
C SER B 415 11.99 22.35 32.28
N PRO B 416 10.75 22.42 31.76
CA PRO B 416 10.13 21.59 30.71
C PRO B 416 10.86 21.69 29.37
N PHE B 417 10.63 20.72 28.48
CA PHE B 417 11.32 20.68 27.19
C PHE B 417 10.47 20.00 26.09
N TYR B 418 10.68 20.41 24.84
CA TYR B 418 9.98 19.82 23.70
C TYR B 418 10.98 18.86 23.04
N TYR B 419 10.75 17.56 23.17
CA TYR B 419 11.65 16.57 22.58
C TYR B 419 11.11 16.00 21.28
N TYR B 420 12.01 15.37 20.52
CA TYR B 420 11.63 14.70 19.27
C TYR B 420 11.15 13.35 19.79
N GLN B 421 10.60 12.52 18.91
CA GLN B 421 10.13 11.18 19.30
C GLN B 421 10.40 10.23 18.13
N ILE B 422 10.28 8.93 18.38
CA ILE B 422 10.49 7.94 17.31
C ILE B 422 9.24 7.93 16.44
N GLU B 423 9.41 7.97 15.12
CA GLU B 423 8.26 7.97 14.23
C GLU B 423 7.34 6.85 14.66
N PRO B 424 6.08 7.18 15.02
CA PRO B 424 5.06 6.23 15.47
C PRO B 424 4.89 4.98 14.63
N TRP B 425 4.84 5.13 13.31
CA TRP B 425 4.68 3.98 12.43
C TRP B 425 5.90 3.08 12.49
N LYS B 426 6.87 3.44 13.32
CA LYS B 426 8.06 2.62 13.45
C LYS B 426 7.97 1.80 14.73
N THR B 427 7.20 2.29 15.70
CA THR B 427 7.01 1.60 16.96
C THR B 427 5.53 1.56 17.31
N HIS B 428 4.75 0.91 16.47
CA HIS B 428 3.32 0.82 16.71
C HIS B 428 2.73 -0.47 16.16
N ILE B 429 2.24 -1.29 17.07
CA ILE B 429 1.62 -2.55 16.73
C ILE B 429 0.13 -2.36 16.43
N TRP B 430 -0.26 -2.68 15.19
CA TRP B 430 -1.64 -2.53 14.74
C TRP B 430 -2.70 -3.49 15.29
#